data_1XMC
#
_entry.id   1XMC
#
_cell.length_a   163.900
_cell.length_b   163.900
_cell.length_c   159.230
_cell.angle_alpha   90.00
_cell.angle_beta   90.00
_cell.angle_gamma   120.00
#
_symmetry.space_group_name_H-M   'H 3'
#
loop_
_entity.id
_entity.type
_entity.pdbx_description
1 polymer 'Peroxisomal carnitine O-octanoyltransferase'
2 non-polymer '4-(2-HYDROXYETHYL)-1-PIPERAZINE ETHANESULFONIC ACID'
3 non-polymer (4S)-2-METHYL-2,4-PENTANEDIOL
4 water water
#
_entity_poly.entity_id   1
_entity_poly.type   'polypeptide(L)'
_entity_poly.pdbx_seq_one_letter_code
;MENQLTKSVEERTFQYQDSLPSLPVPALEESLKKYLESVKPFANEDEYKKTEEIVQKFQEGAGKRLHQKLLERARGKRNW
LEEWWLNVAYLDVRIPSQLNVNFVGPCPHFEHYWPAREGTQLERGSMMLWHNLNYWQLLRREKLPVHKSGNTPLDMNQFR
MLFSTCKVPGITRDSIMNYFKTESEGHCPTHIAVLCRGRAFVFDVLHEGCLITPPELLRQLTYIHKKCSNEPVGPSIAAL
TSEERTRWAKAREYLISLDPENLTLLEKIQTSLFVYSIEDSSPHATPEEYSQVFEMLLGGDPSVRWGDKSYNLISFANGI
FGMCCDHAPYDAMVMVNIAHYVDERVLETEGRWKGSEKVRDIPLPEELVFTVDEKILNDVSQAKAQHLKAASDLQIAAST
FTSFGKKLTKEEALHPDTFIQLALQLAYYRLHGRPGCCYETAMTRYFYHGRTETVRSCTVEAVRWCQSMQDPSASLLERQ
QKMLEAFAKHNKMMKDCSHGKGFDRHLLGLLLIAKEEGLPVPELFEDPLFSRSGGGGNFVLSTSLVGYLRVQGVVVPMVH
NGYGFFYHIRDDRFVVACSSWRSCPETDAEKLVQMIFHAFHDMIQLMNTAHL
;
_entity_poly.pdbx_strand_id   A,B
#
loop_
_chem_comp.id
_chem_comp.type
_chem_comp.name
_chem_comp.formula
EPE non-polymer '4-(2-HYDROXYETHYL)-1-PIPERAZINE ETHANESULFONIC ACID' 'C8 H18 N2 O4 S'
MPD non-polymer (4S)-2-METHYL-2,4-PENTANEDIOL 'C6 H14 O2'
#
# COMPACT_ATOMS: atom_id res chain seq x y z
N GLU A 11 -11.31 48.22 71.57
CA GLU A 11 -11.79 46.90 71.04
C GLU A 11 -10.75 46.27 70.11
N ARG A 12 -10.44 45.01 70.35
CA ARG A 12 -9.47 44.27 69.55
C ARG A 12 -10.15 43.25 68.64
N THR A 13 -9.58 43.05 67.45
CA THR A 13 -10.12 42.14 66.45
C THR A 13 -10.63 40.78 66.93
N PHE A 14 -9.87 40.10 67.79
CA PHE A 14 -10.26 38.78 68.26
C PHE A 14 -10.70 38.68 69.73
N GLN A 15 -11.04 39.81 70.35
CA GLN A 15 -11.42 39.78 71.75
C GLN A 15 -12.70 39.03 72.10
N TYR A 16 -13.60 38.87 71.14
CA TYR A 16 -14.87 38.17 71.38
C TYR A 16 -14.87 36.68 71.07
N GLN A 17 -13.75 36.17 70.55
CA GLN A 17 -13.67 34.75 70.21
C GLN A 17 -13.95 33.81 71.37
N ASP A 18 -13.41 34.09 72.56
CA ASP A 18 -13.65 33.22 73.71
C ASP A 18 -15.09 33.33 74.21
N SER A 19 -15.85 34.26 73.64
CA SER A 19 -17.23 34.49 74.05
C SER A 19 -18.27 33.91 73.10
N LEU A 20 -17.83 33.50 71.91
CA LEU A 20 -18.74 32.96 70.93
C LEU A 20 -19.38 31.64 71.36
N PRO A 21 -20.69 31.48 71.06
CA PRO A 21 -21.42 30.25 71.41
C PRO A 21 -20.99 29.08 70.53
N SER A 22 -21.19 27.86 71.03
CA SER A 22 -20.82 26.66 70.29
C SER A 22 -21.73 26.48 69.08
N LEU A 23 -21.21 25.85 68.02
CA LEU A 23 -22.03 25.59 66.85
C LEU A 23 -23.07 24.61 67.39
N PRO A 24 -24.35 24.87 67.14
CA PRO A 24 -25.35 23.93 67.68
C PRO A 24 -25.59 22.66 66.87
N VAL A 25 -26.29 21.70 67.48
CA VAL A 25 -26.66 20.47 66.80
C VAL A 25 -28.19 20.56 66.82
N PRO A 26 -28.82 20.67 65.64
CA PRO A 26 -30.28 20.76 65.55
C PRO A 26 -30.95 19.52 66.11
N ALA A 27 -32.26 19.62 66.37
CA ALA A 27 -33.03 18.50 66.88
C ALA A 27 -33.14 17.52 65.70
N LEU A 28 -33.04 16.23 65.99
CA LEU A 28 -33.12 15.22 64.93
C LEU A 28 -34.41 15.31 64.13
N GLU A 29 -35.54 15.32 64.83
CA GLU A 29 -36.85 15.40 64.19
C GLU A 29 -36.97 16.62 63.29
N GLU A 30 -36.49 17.77 63.76
CA GLU A 30 -36.56 18.99 62.97
C GLU A 30 -35.78 18.87 61.66
N SER A 31 -34.54 18.38 61.75
CA SER A 31 -33.70 18.21 60.57
C SER A 31 -34.29 17.24 59.56
N LEU A 32 -34.83 16.12 60.05
CA LEU A 32 -35.40 15.12 59.17
C LEU A 32 -36.67 15.63 58.49
N LYS A 33 -37.46 16.44 59.18
CA LYS A 33 -38.67 17.00 58.59
C LYS A 33 -38.30 17.94 57.45
N LYS A 34 -37.28 18.76 57.69
CA LYS A 34 -36.83 19.70 56.67
C LYS A 34 -36.27 18.95 55.47
N TYR A 35 -35.58 17.85 55.72
CA TYR A 35 -35.02 17.04 54.63
C TYR A 35 -36.15 16.47 53.76
N LEU A 36 -37.14 15.85 54.41
CA LEU A 36 -38.27 15.27 53.68
C LEU A 36 -38.95 16.31 52.80
N GLU A 37 -39.20 17.49 53.37
CA GLU A 37 -39.84 18.57 52.64
C GLU A 37 -39.00 18.98 51.42
N SER A 38 -37.68 18.96 51.57
CA SER A 38 -36.79 19.34 50.48
C SER A 38 -36.75 18.40 49.28
N VAL A 39 -37.08 17.13 49.46
CA VAL A 39 -37.04 16.20 48.32
C VAL A 39 -38.33 16.20 47.50
N LYS A 40 -39.39 16.77 48.06
CA LYS A 40 -40.68 16.79 47.36
C LYS A 40 -40.65 17.25 45.91
N PRO A 41 -39.95 18.37 45.60
CA PRO A 41 -39.88 18.87 44.23
C PRO A 41 -39.28 17.91 43.21
N PHE A 42 -38.63 16.86 43.68
CA PHE A 42 -37.97 15.91 42.77
C PHE A 42 -38.53 14.49 42.82
N ALA A 43 -39.64 14.29 43.52
CA ALA A 43 -40.19 12.95 43.64
C ALA A 43 -41.67 12.82 43.32
N ASN A 44 -42.05 11.63 42.89
CA ASN A 44 -43.45 11.33 42.62
C ASN A 44 -43.97 10.66 43.87
N GLU A 45 -45.26 10.34 43.87
CA GLU A 45 -45.91 9.70 45.01
C GLU A 45 -45.14 8.54 45.62
N ASP A 46 -44.74 7.59 44.78
CA ASP A 46 -44.05 6.41 45.25
C ASP A 46 -42.67 6.65 45.85
N GLU A 47 -41.85 7.44 45.15
CA GLU A 47 -40.51 7.74 45.64
C GLU A 47 -40.59 8.43 47.00
N TYR A 48 -41.52 9.38 47.14
CA TYR A 48 -41.66 10.11 48.39
C TYR A 48 -42.06 9.20 49.56
N LYS A 49 -42.99 8.28 49.31
CA LYS A 49 -43.44 7.36 50.36
C LYS A 49 -42.29 6.48 50.82
N LYS A 50 -41.46 6.08 49.87
CA LYS A 50 -40.30 5.24 50.16
C LYS A 50 -39.32 6.03 51.03
N THR A 51 -39.05 7.27 50.65
CA THR A 51 -38.14 8.12 51.40
C THR A 51 -38.69 8.41 52.79
N GLU A 52 -39.99 8.65 52.88
CA GLU A 52 -40.64 8.93 54.14
C GLU A 52 -40.46 7.77 55.11
N GLU A 53 -40.62 6.55 54.60
CA GLU A 53 -40.46 5.36 55.42
C GLU A 53 -39.00 5.18 55.84
N ILE A 54 -38.08 5.51 54.93
CA ILE A 54 -36.66 5.40 55.23
C ILE A 54 -36.31 6.38 56.35
N VAL A 55 -36.83 7.59 56.25
CA VAL A 55 -36.56 8.61 57.26
C VAL A 55 -37.15 8.27 58.63
N GLN A 56 -38.38 7.74 58.63
CA GLN A 56 -39.02 7.37 59.87
C GLN A 56 -38.24 6.29 60.62
N LYS A 57 -37.82 5.26 59.89
CA LYS A 57 -37.04 4.18 60.51
C LYS A 57 -35.74 4.73 61.07
N PHE A 58 -35.07 5.54 60.26
CA PHE A 58 -33.80 6.14 60.67
C PHE A 58 -33.99 6.91 61.97
N GLN A 59 -35.05 7.70 62.02
CA GLN A 59 -35.33 8.50 63.21
C GLN A 59 -35.57 7.63 64.45
N GLU A 60 -36.22 6.49 64.25
CA GLU A 60 -36.53 5.58 65.34
C GLU A 60 -35.36 4.73 65.80
N GLY A 61 -34.43 4.44 64.90
CA GLY A 61 -33.30 3.61 65.27
C GLY A 61 -31.89 4.17 65.15
N ALA A 62 -31.21 3.80 64.07
CA ALA A 62 -29.83 4.23 63.83
C ALA A 62 -29.60 5.73 63.94
N GLY A 63 -30.51 6.53 63.37
CA GLY A 63 -30.37 7.97 63.42
C GLY A 63 -30.39 8.49 64.85
N LYS A 64 -31.31 7.96 65.66
CA LYS A 64 -31.43 8.38 67.04
C LYS A 64 -30.10 8.14 67.76
N ARG A 65 -29.48 7.00 67.50
CA ARG A 65 -28.21 6.66 68.13
C ARG A 65 -27.03 7.50 67.60
N LEU A 66 -26.99 7.71 66.29
CA LEU A 66 -25.93 8.52 65.71
C LEU A 66 -26.06 9.96 66.21
N HIS A 67 -27.29 10.43 66.34
CA HIS A 67 -27.54 11.79 66.82
C HIS A 67 -27.00 11.98 68.23
N GLN A 68 -27.22 10.98 69.08
CA GLN A 68 -26.75 11.02 70.46
C GLN A 68 -25.23 11.15 70.49
N LYS A 69 -24.56 10.40 69.63
CA LYS A 69 -23.10 10.45 69.55
C LYS A 69 -22.64 11.80 69.02
N LEU A 70 -23.44 12.42 68.17
CA LEU A 70 -23.07 13.72 67.62
C LEU A 70 -23.13 14.73 68.76
N LEU A 71 -24.16 14.62 69.60
CA LEU A 71 -24.33 15.50 70.74
C LEU A 71 -23.16 15.32 71.70
N GLU A 72 -22.68 14.09 71.81
CA GLU A 72 -21.55 13.80 72.68
C GLU A 72 -20.30 14.49 72.14
N ARG A 73 -20.19 14.56 70.82
CA ARG A 73 -19.04 15.19 70.16
C ARG A 73 -19.09 16.68 70.43
N ALA A 74 -20.28 17.25 70.34
CA ALA A 74 -20.49 18.68 70.55
C ALA A 74 -20.19 19.08 71.99
N ARG A 75 -20.27 18.12 72.91
CA ARG A 75 -20.00 18.39 74.32
C ARG A 75 -18.52 18.69 74.52
N GLY A 76 -17.67 18.12 73.67
CA GLY A 76 -16.24 18.35 73.79
C GLY A 76 -15.64 19.30 72.77
N LYS A 77 -16.45 19.83 71.86
CA LYS A 77 -15.95 20.74 70.84
C LYS A 77 -16.84 21.97 70.65
N ARG A 78 -16.25 23.15 70.74
CA ARG A 78 -17.02 24.39 70.57
C ARG A 78 -17.58 24.42 69.15
N ASN A 79 -16.96 23.66 68.26
CA ASN A 79 -17.47 23.56 66.90
C ASN A 79 -17.23 22.13 66.45
N TRP A 80 -18.27 21.32 66.59
CA TRP A 80 -18.22 19.90 66.25
C TRP A 80 -17.98 19.59 64.78
N LEU A 81 -18.25 20.57 63.91
CA LEU A 81 -18.10 20.38 62.46
C LEU A 81 -16.78 20.80 61.81
N GLU A 82 -16.18 21.85 62.33
CA GLU A 82 -14.93 22.42 61.81
C GLU A 82 -13.93 21.50 61.14
N GLU A 83 -13.34 20.59 61.92
CA GLU A 83 -12.33 19.68 61.38
C GLU A 83 -12.87 18.75 60.30
N TRP A 84 -14.04 18.18 60.53
CA TRP A 84 -14.67 17.28 59.55
C TRP A 84 -14.91 17.98 58.23
N TRP A 85 -15.48 19.18 58.30
CA TRP A 85 -15.80 19.96 57.12
C TRP A 85 -14.53 20.26 56.31
N LEU A 86 -13.49 20.69 57.02
CA LEU A 86 -12.22 20.99 56.36
C LEU A 86 -11.71 19.78 55.56
N ASN A 87 -11.66 18.62 56.21
CA ASN A 87 -11.20 17.39 55.56
C ASN A 87 -12.12 16.88 54.47
N VAL A 88 -13.39 16.69 54.80
CA VAL A 88 -14.37 16.15 53.85
C VAL A 88 -14.70 17.05 52.66
N ALA A 89 -14.89 18.34 52.91
CA ALA A 89 -15.23 19.25 51.83
C ALA A 89 -14.04 19.75 51.02
N TYR A 90 -12.84 19.70 51.62
CA TYR A 90 -11.67 20.22 50.93
C TYR A 90 -10.38 19.39 50.88
N LEU A 91 -9.78 19.19 52.04
CA LEU A 91 -8.49 18.49 52.11
C LEU A 91 -8.41 17.07 51.59
N ASP A 92 -9.49 16.30 51.73
CA ASP A 92 -9.50 14.92 51.24
C ASP A 92 -9.78 14.82 49.74
N VAL A 93 -10.48 15.82 49.19
CA VAL A 93 -10.80 15.83 47.76
C VAL A 93 -9.53 15.81 46.92
N ARG A 94 -9.49 14.94 45.91
CA ARG A 94 -8.32 14.77 45.07
C ARG A 94 -8.27 15.54 43.75
N ILE A 95 -9.41 16.02 43.25
CA ILE A 95 -9.41 16.75 41.99
C ILE A 95 -8.51 17.99 42.09
N PRO A 96 -8.06 18.53 40.94
CA PRO A 96 -7.21 19.72 41.00
C PRO A 96 -7.98 20.85 41.67
N SER A 97 -7.52 21.29 42.83
CA SER A 97 -8.20 22.34 43.58
C SER A 97 -8.02 23.76 43.03
N GLN A 98 -6.85 24.05 42.46
CA GLN A 98 -6.61 25.39 41.94
C GLN A 98 -7.72 25.87 41.00
N LEU A 99 -8.08 25.05 40.01
CA LEU A 99 -9.13 25.42 39.08
C LEU A 99 -10.55 25.12 39.56
N ASN A 100 -10.73 23.94 40.13
CA ASN A 100 -12.06 23.47 40.54
C ASN A 100 -12.61 23.83 41.93
N VAL A 101 -11.77 24.38 42.81
CA VAL A 101 -12.25 24.70 44.15
C VAL A 101 -11.95 26.13 44.57
N ASN A 102 -10.77 26.62 44.22
CA ASN A 102 -10.38 27.99 44.55
C ASN A 102 -11.40 28.99 44.04
N PHE A 103 -11.61 30.07 44.79
CA PHE A 103 -12.52 31.11 44.31
C PHE A 103 -11.65 32.29 43.88
N VAL A 104 -12.15 33.06 42.92
CA VAL A 104 -11.39 34.21 42.43
C VAL A 104 -12.26 35.46 42.43
N GLY A 105 -11.62 36.61 42.38
CA GLY A 105 -12.36 37.85 42.34
C GLY A 105 -11.52 38.98 41.81
N PRO A 106 -12.07 39.81 40.92
CA PRO A 106 -11.31 40.93 40.36
C PRO A 106 -11.27 42.06 41.38
N CYS A 107 -10.20 42.86 41.33
CA CYS A 107 -10.09 44.02 42.21
C CYS A 107 -10.84 45.10 41.42
N PRO A 108 -11.93 45.64 41.98
CA PRO A 108 -12.81 46.66 41.39
C PRO A 108 -12.27 48.07 41.23
N HIS A 109 -10.98 48.21 40.92
CA HIS A 109 -10.36 49.52 40.78
C HIS A 109 -10.49 50.12 39.37
N PHE A 110 -10.88 49.30 38.41
CA PHE A 110 -11.03 49.77 37.04
C PHE A 110 -12.38 50.47 36.83
N GLU A 111 -13.14 50.60 37.91
CA GLU A 111 -14.43 51.28 37.87
C GLU A 111 -14.20 52.77 38.04
N HIS A 112 -13.01 53.14 38.51
CA HIS A 112 -12.69 54.54 38.73
C HIS A 112 -11.30 55.01 38.32
N TYR A 113 -10.43 55.18 39.31
CA TYR A 113 -9.08 55.67 39.10
C TYR A 113 -8.07 54.78 38.38
N TRP A 114 -8.32 53.48 38.32
CA TRP A 114 -7.39 52.58 37.65
C TRP A 114 -7.97 51.81 36.48
N PRO A 115 -8.43 52.51 35.43
CA PRO A 115 -9.00 51.83 34.28
C PRO A 115 -7.92 51.01 33.58
N ALA A 116 -8.32 50.08 32.73
CA ALA A 116 -7.37 49.25 32.00
C ALA A 116 -6.47 50.16 31.16
N ARG A 117 -5.17 49.94 31.25
CA ARG A 117 -4.21 50.75 30.50
C ARG A 117 -2.82 50.11 30.56
N GLU A 118 -2.22 49.93 29.40
CA GLU A 118 -0.89 49.33 29.30
C GLU A 118 0.18 50.20 29.95
N GLY A 119 1.21 49.56 30.48
CA GLY A 119 2.30 50.29 31.10
C GLY A 119 2.06 50.81 32.51
N THR A 120 0.99 50.37 33.15
CA THR A 120 0.69 50.83 34.51
C THR A 120 0.83 49.69 35.52
N GLN A 121 1.19 48.51 35.03
CA GLN A 121 1.32 47.34 35.88
C GLN A 121 2.21 47.47 37.11
N LEU A 122 3.42 47.97 36.93
CA LEU A 122 4.36 48.10 38.05
C LEU A 122 4.04 49.22 39.02
N GLU A 123 3.63 50.39 38.49
CA GLU A 123 3.30 51.51 39.35
C GLU A 123 2.08 51.21 40.20
N ARG A 124 1.00 50.72 39.57
CA ARG A 124 -0.21 50.40 40.32
C ARG A 124 0.07 49.24 41.27
N GLY A 125 0.93 48.32 40.82
CA GLY A 125 1.28 47.17 41.63
C GLY A 125 1.96 47.55 42.93
N SER A 126 2.79 48.60 42.89
CA SER A 126 3.49 49.05 44.08
C SER A 126 2.50 49.52 45.14
N MET A 127 1.43 50.19 44.71
CA MET A 127 0.43 50.67 45.66
C MET A 127 -0.48 49.52 46.14
N MET A 128 -0.75 48.57 45.26
CA MET A 128 -1.58 47.41 45.62
C MET A 128 -0.93 46.67 46.78
N LEU A 129 0.39 46.43 46.67
CA LEU A 129 1.13 45.74 47.71
C LEU A 129 1.09 46.54 49.01
N TRP A 130 1.38 47.83 48.90
CA TRP A 130 1.39 48.74 50.04
C TRP A 130 0.07 48.72 50.82
N HIS A 131 -1.05 48.81 50.11
CA HIS A 131 -2.35 48.79 50.77
C HIS A 131 -2.62 47.41 51.36
N ASN A 132 -2.38 46.37 50.59
CA ASN A 132 -2.58 45.01 51.09
C ASN A 132 -1.78 44.82 52.36
N LEU A 133 -0.53 45.29 52.34
CA LEU A 133 0.35 45.15 53.50
C LEU A 133 -0.10 45.98 54.70
N ASN A 134 -0.71 47.14 54.46
CA ASN A 134 -1.20 47.94 55.58
C ASN A 134 -2.35 47.19 56.25
N TYR A 135 -3.10 46.41 55.47
CA TYR A 135 -4.21 45.64 56.03
C TYR A 135 -3.65 44.60 56.98
N TRP A 136 -2.55 43.96 56.57
CA TRP A 136 -1.87 42.96 57.39
C TRP A 136 -1.45 43.60 58.71
N GLN A 137 -0.93 44.83 58.62
CA GLN A 137 -0.51 45.54 59.83
C GLN A 137 -1.70 45.75 60.75
N LEU A 138 -2.84 46.11 60.18
CA LEU A 138 -4.05 46.32 60.97
C LEU A 138 -4.39 45.04 61.73
N LEU A 139 -4.39 43.92 61.00
CA LEU A 139 -4.70 42.61 61.58
C LEU A 139 -3.73 42.21 62.68
N ARG A 140 -2.43 42.35 62.39
CA ARG A 140 -1.42 41.98 63.36
C ARG A 140 -1.54 42.79 64.64
N ARG A 141 -2.00 44.04 64.51
CA ARG A 141 -2.19 44.91 65.67
C ARG A 141 -3.61 44.77 66.20
N GLU A 142 -4.39 43.89 65.59
CA GLU A 142 -5.78 43.66 65.99
C GLU A 142 -6.56 44.98 65.96
N LYS A 143 -6.30 45.79 64.94
CA LYS A 143 -6.97 47.07 64.77
C LYS A 143 -8.16 46.95 63.82
N LEU A 144 -8.27 45.82 63.14
CA LEU A 144 -9.36 45.58 62.22
C LEU A 144 -10.66 45.48 63.01
N PRO A 145 -11.70 46.23 62.61
CA PRO A 145 -12.99 46.23 63.29
C PRO A 145 -13.63 44.84 63.41
N VAL A 146 -14.24 44.57 64.56
CA VAL A 146 -14.91 43.29 64.79
C VAL A 146 -16.22 43.31 64.03
N HIS A 147 -16.52 42.25 63.28
CA HIS A 147 -17.78 42.22 62.55
C HIS A 147 -18.89 41.91 63.56
N LYS A 148 -20.00 42.63 63.44
CA LYS A 148 -21.12 42.43 64.34
C LYS A 148 -22.43 42.48 63.60
N SER A 149 -23.43 41.81 64.17
CA SER A 149 -24.78 41.80 63.63
C SER A 149 -25.52 42.50 64.75
N GLY A 150 -25.76 43.80 64.56
CA GLY A 150 -26.41 44.55 65.62
C GLY A 150 -25.33 44.73 66.66
N ASN A 151 -25.50 44.10 67.82
CA ASN A 151 -24.52 44.20 68.89
C ASN A 151 -23.91 42.82 69.15
N THR A 152 -24.29 41.86 68.32
CA THR A 152 -23.78 40.50 68.44
C THR A 152 -22.51 40.30 67.62
N PRO A 153 -21.40 39.96 68.28
CA PRO A 153 -20.14 39.75 67.57
C PRO A 153 -20.17 38.48 66.71
N LEU A 154 -19.46 38.55 65.59
CA LEU A 154 -19.36 37.42 64.67
C LEU A 154 -17.94 36.89 64.72
N ASP A 155 -17.78 35.61 64.41
CA ASP A 155 -16.47 34.96 64.42
C ASP A 155 -15.55 35.66 63.44
N MET A 156 -14.30 35.91 63.87
CA MET A 156 -13.32 36.58 63.04
C MET A 156 -12.12 35.69 62.70
N ASN A 157 -12.21 34.41 63.06
CA ASN A 157 -11.12 33.44 62.84
C ASN A 157 -10.59 33.32 61.42
N GLN A 158 -11.47 33.37 60.43
CA GLN A 158 -11.05 33.24 59.03
C GLN A 158 -10.02 34.30 58.64
N PHE A 159 -10.05 35.44 59.31
CA PHE A 159 -9.09 36.51 59.00
C PHE A 159 -7.66 36.07 59.33
N ARG A 160 -7.52 35.08 60.20
CA ARG A 160 -6.19 34.58 60.53
C ARG A 160 -5.59 33.79 59.36
N MET A 161 -6.45 33.38 58.44
CA MET A 161 -6.03 32.57 57.28
C MET A 161 -5.69 33.39 56.04
N LEU A 162 -5.88 34.70 56.11
CA LEU A 162 -5.59 35.56 54.98
C LEU A 162 -4.08 35.65 54.67
N PHE A 163 -3.29 35.92 55.69
CA PHE A 163 -1.84 36.06 55.53
C PHE A 163 -1.01 34.88 56.06
N SER A 164 0.17 34.68 55.49
CA SER A 164 1.08 33.62 55.90
C SER A 164 0.38 32.26 56.09
N THR A 165 -0.46 31.91 55.14
CA THR A 165 -1.18 30.65 55.22
C THR A 165 -1.11 29.96 53.88
N CYS A 166 -0.90 28.64 53.90
CA CYS A 166 -0.76 27.90 52.66
C CYS A 166 -1.09 26.43 52.85
N LYS A 167 -1.61 25.83 51.79
CA LYS A 167 -1.96 24.42 51.83
C LYS A 167 -0.74 23.60 51.39
N VAL A 168 -0.64 22.38 51.91
CA VAL A 168 0.44 21.47 51.53
C VAL A 168 -0.26 20.18 51.12
N PRO A 169 0.04 19.69 49.91
CA PRO A 169 -0.59 18.46 49.43
C PRO A 169 -0.16 17.20 50.17
N GLY A 170 -1.08 16.26 50.30
CA GLY A 170 -0.79 14.99 50.96
C GLY A 170 -1.16 13.90 49.97
N ILE A 171 -0.73 12.67 50.22
CA ILE A 171 -1.06 11.58 49.31
C ILE A 171 -2.56 11.29 49.33
N THR A 172 -3.18 11.34 50.51
CA THR A 172 -4.62 11.09 50.63
C THR A 172 -5.35 12.25 51.30
N ARG A 173 -4.61 13.10 51.99
CA ARG A 173 -5.21 14.24 52.68
C ARG A 173 -4.25 15.43 52.77
N ASP A 174 -4.68 16.58 52.28
CA ASP A 174 -3.85 17.78 52.32
C ASP A 174 -3.88 18.35 53.73
N SER A 175 -3.07 19.37 53.97
CA SER A 175 -3.03 20.02 55.27
C SER A 175 -2.90 21.52 55.09
N ILE A 176 -3.34 22.27 56.10
CA ILE A 176 -3.27 23.73 56.06
C ILE A 176 -2.22 24.21 57.05
N MET A 177 -1.30 25.05 56.58
CA MET A 177 -0.27 25.60 57.45
C MET A 177 -0.60 27.07 57.69
N ASN A 178 -0.92 27.41 58.93
CA ASN A 178 -1.27 28.78 59.29
C ASN A 178 -0.19 29.35 60.21
N TYR A 179 0.68 30.17 59.63
CA TYR A 179 1.81 30.78 60.33
C TYR A 179 1.52 32.18 60.87
N PHE A 180 0.34 32.71 60.57
CA PHE A 180 0.01 34.05 61.04
C PHE A 180 -0.06 34.11 62.56
N LYS A 181 0.33 35.26 63.11
CA LYS A 181 0.29 35.51 64.54
C LYS A 181 0.09 37.00 64.77
N THR A 182 -0.66 37.36 65.80
CA THR A 182 -0.86 38.77 66.10
C THR A 182 0.36 39.19 66.92
N GLU A 183 0.57 40.50 67.06
CA GLU A 183 1.71 41.00 67.83
C GLU A 183 1.73 40.39 69.23
N SER A 184 0.55 40.26 69.82
CA SER A 184 0.40 39.71 71.17
C SER A 184 0.72 38.23 71.24
N GLU A 185 0.67 37.55 70.09
CA GLU A 185 0.92 36.12 70.06
C GLU A 185 2.38 35.76 69.76
N GLY A 186 3.05 36.61 68.97
CA GLY A 186 4.44 36.33 68.67
C GLY A 186 4.90 36.89 67.34
N HIS A 187 5.89 36.23 66.74
CA HIS A 187 6.44 36.68 65.46
C HIS A 187 5.66 36.15 64.27
N CYS A 188 5.55 36.97 63.23
CA CYS A 188 4.86 36.62 62.01
C CYS A 188 5.82 36.85 60.84
N PRO A 189 5.84 35.94 59.86
CA PRO A 189 6.76 36.13 58.74
C PRO A 189 6.57 37.55 58.23
N THR A 190 7.61 38.14 57.66
CA THR A 190 7.51 39.51 57.17
C THR A 190 7.88 39.68 55.71
N HIS A 191 7.95 38.58 54.97
CA HIS A 191 8.29 38.62 53.56
C HIS A 191 7.13 38.20 52.66
N ILE A 192 7.18 38.63 51.42
CA ILE A 192 6.17 38.25 50.44
C ILE A 192 6.90 37.51 49.33
N ALA A 193 6.15 36.75 48.54
CA ALA A 193 6.74 36.01 47.44
C ALA A 193 6.18 36.51 46.13
N VAL A 194 7.06 36.72 45.16
CA VAL A 194 6.64 37.20 43.85
C VAL A 194 6.99 36.16 42.79
N LEU A 195 6.04 35.88 41.90
CA LEU A 195 6.25 34.92 40.83
C LEU A 195 6.22 35.68 39.50
N CYS A 196 7.23 35.46 38.67
CA CYS A 196 7.33 36.13 37.37
C CYS A 196 8.01 35.22 36.36
N ARG A 197 7.50 35.20 35.13
CA ARG A 197 8.09 34.39 34.06
C ARG A 197 8.59 33.04 34.57
N GLY A 198 7.68 32.24 35.12
CA GLY A 198 8.03 30.92 35.64
C GLY A 198 9.10 30.92 36.71
N ARG A 199 9.31 32.05 37.37
CA ARG A 199 10.32 32.16 38.41
C ARG A 199 9.73 32.71 39.71
N ALA A 200 10.47 32.53 40.82
CA ALA A 200 10.02 32.99 42.12
C ALA A 200 11.06 33.83 42.83
N PHE A 201 10.62 34.91 43.47
CA PHE A 201 11.49 35.80 44.23
C PHE A 201 10.82 36.16 45.56
N VAL A 202 11.60 36.65 46.52
CA VAL A 202 11.06 37.04 47.81
C VAL A 202 11.82 38.23 48.40
N PHE A 203 11.17 38.95 49.32
CA PHE A 203 11.80 40.08 50.00
C PHE A 203 10.99 40.55 51.20
N ASP A 204 11.68 41.13 52.18
CA ASP A 204 11.05 41.61 53.41
C ASP A 204 10.30 42.91 53.14
N VAL A 205 9.11 43.04 53.73
CA VAL A 205 8.30 44.25 53.55
C VAL A 205 8.60 45.30 54.60
N LEU A 206 9.44 44.93 55.58
CA LEU A 206 9.82 45.85 56.64
C LEU A 206 11.28 46.29 56.49
N HIS A 207 11.56 47.49 56.96
CA HIS A 207 12.91 48.06 56.93
C HIS A 207 13.03 49.09 58.03
N GLU A 208 14.05 48.92 58.86
CA GLU A 208 14.29 49.84 59.97
C GLU A 208 13.04 50.02 60.83
N GLY A 209 12.29 48.95 61.00
CA GLY A 209 11.10 49.01 61.83
C GLY A 209 9.75 49.24 61.16
N CYS A 210 9.74 49.94 60.03
CA CYS A 210 8.48 50.21 59.35
C CYS A 210 8.34 49.54 57.99
N LEU A 211 7.11 49.56 57.48
CA LEU A 211 6.76 48.98 56.19
C LEU A 211 7.32 49.84 55.06
N ILE A 212 7.84 49.22 54.01
CA ILE A 212 8.38 50.00 52.90
C ILE A 212 7.26 50.64 52.09
N THR A 213 7.57 51.79 51.50
CA THR A 213 6.61 52.56 50.72
C THR A 213 6.47 52.14 49.27
N PRO A 214 5.44 52.64 48.58
CA PRO A 214 5.23 52.31 47.17
C PRO A 214 6.48 52.47 46.31
N PRO A 215 7.11 53.66 46.35
CA PRO A 215 8.33 53.85 45.55
C PRO A 215 9.34 52.73 45.79
N GLU A 216 9.52 52.35 47.05
CA GLU A 216 10.44 51.29 47.41
C GLU A 216 9.93 49.95 46.89
N LEU A 217 8.61 49.77 46.92
CA LEU A 217 7.99 48.54 46.43
C LEU A 217 8.09 48.50 44.91
N LEU A 218 8.00 49.68 44.29
CA LEU A 218 8.07 49.76 42.84
C LEU A 218 9.46 49.40 42.35
N ARG A 219 10.47 49.58 43.21
CA ARG A 219 11.83 49.26 42.82
C ARG A 219 11.99 47.75 42.75
N GLN A 220 11.48 47.07 43.77
CA GLN A 220 11.55 45.62 43.85
C GLN A 220 10.85 45.00 42.64
N LEU A 221 9.63 45.45 42.37
CA LEU A 221 8.85 44.93 41.25
C LEU A 221 9.50 45.22 39.90
N THR A 222 9.86 46.49 39.67
CA THR A 222 10.49 46.88 38.43
C THR A 222 11.71 46.00 38.17
N TYR A 223 12.50 45.82 39.22
CA TYR A 223 13.68 44.98 39.16
C TYR A 223 13.32 43.59 38.64
N ILE A 224 12.34 42.96 39.28
CA ILE A 224 11.90 41.63 38.91
C ILE A 224 11.38 41.57 37.47
N HIS A 225 10.53 42.52 37.10
CA HIS A 225 9.98 42.53 35.74
C HIS A 225 11.05 42.64 34.64
N LYS A 226 11.92 43.63 34.74
CA LYS A 226 12.98 43.86 33.76
C LYS A 226 13.88 42.64 33.58
N LYS A 227 14.31 42.07 34.70
CA LYS A 227 15.19 40.90 34.70
C LYS A 227 14.63 39.72 33.90
N CYS A 228 13.37 39.37 34.18
CA CYS A 228 12.73 38.23 33.52
C CYS A 228 12.21 38.47 32.10
N SER A 229 11.79 39.71 31.82
CA SER A 229 11.22 40.05 30.51
C SER A 229 12.01 39.57 29.29
N ASN A 230 13.32 39.85 29.25
CA ASN A 230 14.14 39.43 28.12
C ASN A 230 14.93 38.16 28.38
N GLU A 231 14.39 37.29 29.24
CA GLU A 231 15.06 36.04 29.56
C GLU A 231 14.05 34.89 29.43
N PRO A 232 14.54 33.69 29.09
CA PRO A 232 13.64 32.53 28.95
C PRO A 232 12.89 32.20 30.23
N VAL A 233 11.67 31.69 30.07
CA VAL A 233 10.84 31.33 31.21
C VAL A 233 11.58 30.31 32.08
N GLY A 234 11.46 30.48 33.39
CA GLY A 234 12.12 29.58 34.33
C GLY A 234 11.49 28.20 34.43
N PRO A 235 11.96 27.36 35.38
CA PRO A 235 11.46 26.00 35.60
C PRO A 235 9.95 25.90 35.92
N SER A 236 9.36 27.01 36.33
CA SER A 236 7.94 27.07 36.63
C SER A 236 7.46 26.01 37.61
N ILE A 237 8.13 25.89 38.75
CA ILE A 237 7.74 24.90 39.76
C ILE A 237 6.31 25.17 40.22
N ALA A 238 5.93 26.43 40.27
CA ALA A 238 4.59 26.84 40.70
C ALA A 238 3.46 26.11 39.98
N ALA A 239 3.63 25.87 38.69
CA ALA A 239 2.60 25.20 37.89
C ALA A 239 2.16 23.86 38.47
N LEU A 240 3.00 23.26 39.31
CA LEU A 240 2.66 21.98 39.92
C LEU A 240 1.52 22.08 40.93
N THR A 241 1.30 23.29 41.48
CA THR A 241 0.24 23.46 42.46
C THR A 241 -1.16 23.35 41.85
N SER A 242 -1.22 23.37 40.52
CA SER A 242 -2.50 23.28 39.81
C SER A 242 -2.88 21.84 39.43
N GLU A 243 -2.07 20.88 39.87
CA GLU A 243 -2.32 19.47 39.54
C GLU A 243 -3.29 18.74 40.46
N GLU A 244 -3.57 17.50 40.08
CA GLU A 244 -4.43 16.61 40.85
C GLU A 244 -3.66 16.51 42.17
N ARG A 245 -4.37 16.58 43.29
CA ARG A 245 -3.72 16.57 44.59
C ARG A 245 -2.67 15.49 44.87
N THR A 246 -2.96 14.25 44.50
CA THR A 246 -1.98 13.19 44.75
C THR A 246 -0.73 13.34 43.88
N ARG A 247 -0.91 13.71 42.61
CA ARG A 247 0.21 13.90 41.71
C ARG A 247 1.13 15.01 42.24
N TRP A 248 0.53 16.11 42.67
CA TRP A 248 1.27 17.25 43.22
C TRP A 248 2.04 16.79 44.46
N ALA A 249 1.36 16.04 45.33
CA ALA A 249 1.98 15.52 46.55
C ALA A 249 3.23 14.69 46.24
N LYS A 250 3.17 13.90 45.18
CA LYS A 250 4.31 13.06 44.79
C LYS A 250 5.37 13.88 44.09
N ALA A 251 4.94 14.79 43.22
CA ALA A 251 5.88 15.65 42.51
C ALA A 251 6.66 16.49 43.51
N ARG A 252 5.97 16.88 44.59
CA ARG A 252 6.57 17.69 45.65
C ARG A 252 7.64 16.90 46.40
N GLU A 253 7.32 15.66 46.75
CA GLU A 253 8.26 14.80 47.47
C GLU A 253 9.51 14.56 46.62
N TYR A 254 9.31 14.33 45.33
CA TYR A 254 10.41 14.09 44.42
C TYR A 254 11.28 15.34 44.32
N LEU A 255 10.63 16.49 44.23
CA LEU A 255 11.34 17.76 44.14
C LEU A 255 12.24 17.93 45.36
N ILE A 256 11.71 17.57 46.52
CA ILE A 256 12.45 17.68 47.77
C ILE A 256 13.63 16.72 47.85
N SER A 257 13.47 15.52 47.30
CA SER A 257 14.54 14.53 47.33
C SER A 257 15.75 14.99 46.51
N LEU A 258 15.49 15.66 45.40
CA LEU A 258 16.57 16.16 44.54
C LEU A 258 17.46 17.15 45.27
N ASP A 259 16.92 17.80 46.30
CA ASP A 259 17.68 18.79 47.06
C ASP A 259 16.93 19.15 48.34
N PRO A 260 17.50 18.81 49.50
CA PRO A 260 16.85 19.13 50.78
C PRO A 260 16.53 20.62 50.86
N GLU A 261 17.36 21.41 50.19
CA GLU A 261 17.21 22.85 50.16
C GLU A 261 15.89 23.26 49.50
N ASN A 262 15.48 22.51 48.47
CA ASN A 262 14.23 22.81 47.77
C ASN A 262 13.07 22.99 48.74
N LEU A 263 13.11 22.24 49.84
CA LEU A 263 12.05 22.34 50.84
C LEU A 263 12.06 23.74 51.45
N THR A 264 13.26 24.21 51.77
CA THR A 264 13.44 25.53 52.37
C THR A 264 12.79 26.57 51.47
N LEU A 265 12.91 26.38 50.17
CA LEU A 265 12.32 27.29 49.20
C LEU A 265 10.81 27.18 49.24
N LEU A 266 10.31 25.95 49.33
CA LEU A 266 8.88 25.72 49.40
C LEU A 266 8.32 26.37 50.65
N GLU A 267 9.02 26.18 51.77
CA GLU A 267 8.61 26.76 53.04
C GLU A 267 8.61 28.29 52.98
N LYS A 268 9.56 28.87 52.25
CA LYS A 268 9.63 30.32 52.12
C LYS A 268 8.37 30.83 51.43
N ILE A 269 7.91 30.08 50.43
CA ILE A 269 6.71 30.46 49.71
C ILE A 269 5.49 30.26 50.61
N GLN A 270 5.49 29.16 51.35
CA GLN A 270 4.40 28.82 52.26
C GLN A 270 4.20 29.82 53.38
N THR A 271 5.30 30.32 53.94
CA THR A 271 5.28 31.27 55.04
C THR A 271 5.10 32.73 54.65
N SER A 272 5.27 33.05 53.37
CA SER A 272 5.13 34.44 52.93
C SER A 272 3.78 35.04 53.28
N LEU A 273 3.77 36.34 53.60
CA LEU A 273 2.53 37.03 53.93
C LEU A 273 1.49 36.65 52.88
N PHE A 274 1.93 36.64 51.63
CA PHE A 274 1.08 36.23 50.53
C PHE A 274 1.90 36.13 49.26
N VAL A 275 1.30 35.62 48.20
CA VAL A 275 1.98 35.46 46.93
C VAL A 275 1.45 36.49 45.94
N TYR A 276 2.38 37.20 45.31
CA TYR A 276 2.04 38.20 44.31
C TYR A 276 2.48 37.66 42.95
N SER A 277 1.57 37.63 41.98
CA SER A 277 1.85 37.10 40.66
C SER A 277 1.81 38.13 39.54
N ILE A 278 2.83 38.10 38.69
CA ILE A 278 2.93 39.03 37.56
C ILE A 278 2.61 38.29 36.26
N GLU A 279 1.53 38.69 35.62
CA GLU A 279 1.10 38.08 34.36
C GLU A 279 1.37 39.05 33.20
N ASP A 280 1.54 38.51 32.00
CA ASP A 280 1.79 39.33 30.83
C ASP A 280 0.53 39.47 29.99
N SER A 281 -0.52 38.76 30.39
CA SER A 281 -1.79 38.80 29.69
C SER A 281 -2.54 40.08 30.05
N SER A 282 -3.54 40.42 29.25
CA SER A 282 -4.33 41.62 29.46
C SER A 282 -5.81 41.38 29.23
N PRO A 283 -6.54 41.03 30.29
CA PRO A 283 -7.99 40.77 30.18
C PRO A 283 -8.78 42.05 29.92
N HIS A 284 -9.75 41.96 29.03
CA HIS A 284 -10.59 43.12 28.74
C HIS A 284 -11.37 43.45 30.01
N ALA A 285 -11.10 44.60 30.60
CA ALA A 285 -11.78 44.99 31.83
C ALA A 285 -12.35 46.40 31.81
N THR A 286 -13.66 46.49 31.65
CA THR A 286 -14.37 47.77 31.66
C THR A 286 -15.58 47.59 32.53
N PRO A 287 -16.11 48.68 33.12
CA PRO A 287 -17.29 48.58 33.98
C PRO A 287 -18.43 47.82 33.30
N GLU A 288 -18.43 47.83 31.97
CA GLU A 288 -19.47 47.15 31.21
C GLU A 288 -19.21 45.66 31.05
N GLU A 289 -18.04 45.32 30.51
CA GLU A 289 -17.68 43.93 30.31
C GLU A 289 -16.33 43.61 30.96
N TYR A 290 -16.30 42.57 31.78
CA TYR A 290 -15.06 42.16 32.46
C TYR A 290 -15.08 40.69 32.81
N SER A 291 -15.88 39.90 32.10
CA SER A 291 -15.97 38.48 32.34
C SER A 291 -14.61 37.82 32.07
N GLN A 292 -13.83 38.45 31.22
CA GLN A 292 -12.51 37.96 30.85
C GLN A 292 -11.55 37.97 32.05
N VAL A 293 -11.80 38.87 33.00
CA VAL A 293 -10.94 38.93 34.18
C VAL A 293 -11.13 37.65 34.99
N PHE A 294 -12.37 37.21 35.12
CA PHE A 294 -12.69 35.99 35.85
C PHE A 294 -12.05 34.77 35.19
N GLU A 295 -12.10 34.73 33.86
CA GLU A 295 -11.53 33.61 33.09
C GLU A 295 -10.03 33.48 33.21
N MET A 296 -9.32 34.61 33.18
CA MET A 296 -7.87 34.56 33.29
C MET A 296 -7.43 34.35 34.74
N LEU A 297 -8.33 34.66 35.67
CA LEU A 297 -8.05 34.47 37.09
C LEU A 297 -8.12 32.99 37.41
N LEU A 298 -9.13 32.30 36.87
CA LEU A 298 -9.30 30.87 37.09
C LEU A 298 -8.37 30.06 36.17
N GLY A 299 -8.02 30.63 35.04
CA GLY A 299 -7.12 29.97 34.11
C GLY A 299 -5.75 30.60 34.25
N GLY A 300 -5.44 31.53 33.36
CA GLY A 300 -4.15 32.21 33.42
C GLY A 300 -2.94 31.36 33.09
N ASP A 301 -1.78 31.79 33.56
CA ASP A 301 -0.55 31.05 33.32
C ASP A 301 -0.09 30.40 34.62
N PRO A 302 -0.22 29.08 34.72
CA PRO A 302 0.16 28.29 35.89
C PRO A 302 1.60 28.53 36.36
N SER A 303 2.46 28.92 35.43
CA SER A 303 3.86 29.16 35.75
C SER A 303 4.08 30.20 36.83
N VAL A 304 3.13 31.12 37.01
CA VAL A 304 3.28 32.15 38.04
C VAL A 304 2.17 32.20 39.11
N ARG A 305 1.46 31.08 39.29
CA ARG A 305 0.40 31.02 40.30
C ARG A 305 0.73 29.94 41.34
N TRP A 306 0.40 30.21 42.60
CA TRP A 306 0.62 29.21 43.65
C TRP A 306 -0.75 28.92 44.25
N GLY A 307 -1.49 28.03 43.58
CA GLY A 307 -2.84 27.67 44.00
C GLY A 307 -3.06 27.18 45.42
N ASP A 308 -1.99 26.83 46.12
CA ASP A 308 -2.10 26.36 47.50
C ASP A 308 -2.13 27.53 48.47
N LYS A 309 -1.82 28.72 47.97
CA LYS A 309 -1.79 29.89 48.81
C LYS A 309 -3.22 30.33 49.15
N SER A 310 -3.46 30.67 50.41
CA SER A 310 -4.79 31.11 50.81
C SER A 310 -5.13 32.41 50.07
N TYR A 311 -4.10 33.21 49.79
CA TYR A 311 -4.30 34.49 49.12
C TYR A 311 -3.18 34.75 48.09
N ASN A 312 -3.53 34.73 46.81
CA ASN A 312 -2.58 34.95 45.71
C ASN A 312 -3.06 36.18 44.91
N LEU A 313 -2.42 37.32 45.13
CA LEU A 313 -2.78 38.56 44.44
C LEU A 313 -2.22 38.52 43.02
N ILE A 314 -3.08 38.71 42.03
CA ILE A 314 -2.67 38.66 40.63
C ILE A 314 -2.64 40.01 39.93
N SER A 315 -1.58 40.24 39.17
CA SER A 315 -1.39 41.50 38.44
C SER A 315 -1.27 41.29 36.93
N PHE A 316 -2.15 41.92 36.17
CA PHE A 316 -2.11 41.79 34.71
C PHE A 316 -1.40 42.98 34.05
N ALA A 317 -0.98 42.77 32.80
CA ALA A 317 -0.26 43.79 32.04
C ALA A 317 -1.00 45.12 31.85
N ASN A 318 -2.31 45.05 31.66
CA ASN A 318 -3.09 46.27 31.45
C ASN A 318 -3.45 46.99 32.76
N GLY A 319 -2.67 46.74 33.80
CA GLY A 319 -2.90 47.39 35.08
C GLY A 319 -4.13 46.90 35.84
N ILE A 320 -4.60 45.70 35.51
CA ILE A 320 -5.76 45.12 36.18
C ILE A 320 -5.27 44.15 37.25
N PHE A 321 -6.08 43.96 38.29
CA PHE A 321 -5.71 43.07 39.39
C PHE A 321 -6.84 42.11 39.75
N GLY A 322 -6.46 40.99 40.35
CA GLY A 322 -7.44 39.99 40.76
C GLY A 322 -6.86 39.17 41.89
N MET A 323 -7.70 38.37 42.55
CA MET A 323 -7.25 37.55 43.66
C MET A 323 -7.72 36.11 43.48
N CYS A 324 -6.86 35.14 43.77
CA CYS A 324 -7.23 33.73 43.68
C CYS A 324 -6.94 33.14 45.06
N CYS A 325 -7.96 32.54 45.66
CA CYS A 325 -7.80 32.00 47.00
C CYS A 325 -8.17 30.53 47.18
N ASP A 326 -7.44 29.87 48.07
CA ASP A 326 -7.69 28.47 48.40
C ASP A 326 -8.96 28.53 49.27
N HIS A 327 -10.01 27.84 48.84
CA HIS A 327 -11.29 27.83 49.54
C HIS A 327 -11.27 27.00 50.83
N ALA A 328 -10.23 26.19 51.00
CA ALA A 328 -10.16 25.32 52.18
C ALA A 328 -10.11 25.98 53.55
N PRO A 329 -9.16 26.91 53.78
CA PRO A 329 -9.03 27.60 55.08
C PRO A 329 -10.05 28.68 55.42
N TYR A 330 -10.72 29.24 54.42
CA TYR A 330 -11.72 30.25 54.68
C TYR A 330 -12.63 30.50 53.49
N ASP A 331 -13.68 31.27 53.72
CA ASP A 331 -14.64 31.55 52.68
C ASP A 331 -14.39 32.94 52.09
N ALA A 332 -15.09 33.26 51.01
CA ALA A 332 -14.88 34.51 50.29
C ALA A 332 -15.00 35.87 51.00
N MET A 333 -15.70 35.93 52.12
CA MET A 333 -15.86 37.22 52.81
C MET A 333 -14.57 37.89 53.28
N VAL A 334 -13.53 37.10 53.60
CA VAL A 334 -12.27 37.70 54.02
C VAL A 334 -11.65 38.42 52.80
N MET A 335 -11.61 37.74 51.66
CA MET A 335 -11.08 38.33 50.43
C MET A 335 -11.87 39.59 50.08
N VAL A 336 -13.19 39.53 50.24
CA VAL A 336 -14.04 40.67 49.94
C VAL A 336 -13.67 41.88 50.81
N ASN A 337 -13.40 41.61 52.09
CA ASN A 337 -13.05 42.68 53.03
C ASN A 337 -11.71 43.35 52.75
N ILE A 338 -10.67 42.57 52.45
CA ILE A 338 -9.39 43.21 52.17
C ILE A 338 -9.46 43.94 50.83
N ALA A 339 -10.09 43.31 49.84
CA ALA A 339 -10.23 43.91 48.53
C ALA A 339 -10.99 45.24 48.61
N HIS A 340 -12.01 45.27 49.46
CA HIS A 340 -12.79 46.50 49.64
C HIS A 340 -11.96 47.54 50.38
N TYR A 341 -11.21 47.10 51.39
CA TYR A 341 -10.36 48.02 52.14
C TYR A 341 -9.41 48.70 51.15
N VAL A 342 -8.78 47.90 50.30
CA VAL A 342 -7.84 48.43 49.32
C VAL A 342 -8.58 49.39 48.38
N ASP A 343 -9.80 49.01 48.00
CA ASP A 343 -10.60 49.83 47.10
C ASP A 343 -10.87 51.22 47.69
N GLU A 344 -11.08 51.27 49.01
CA GLU A 344 -11.34 52.54 49.68
C GLU A 344 -10.06 53.38 49.72
N ARG A 345 -8.94 52.70 49.87
CA ARG A 345 -7.65 53.39 49.91
C ARG A 345 -7.39 54.00 48.54
N VAL A 346 -7.61 53.23 47.49
CA VAL A 346 -7.42 53.73 46.13
C VAL A 346 -8.30 54.96 45.90
N LEU A 347 -9.57 54.86 46.28
CA LEU A 347 -10.50 55.97 46.11
C LEU A 347 -10.06 57.22 46.88
N GLU A 348 -9.61 57.04 48.12
CA GLU A 348 -9.17 58.17 48.94
C GLU A 348 -7.94 58.85 48.35
N THR A 349 -7.01 58.06 47.82
CA THR A 349 -5.77 58.57 47.26
C THR A 349 -5.82 58.83 45.75
N GLU A 350 -7.01 58.73 45.17
CA GLU A 350 -7.17 58.93 43.73
C GLU A 350 -6.25 57.99 42.95
N GLY A 351 -5.95 56.85 43.56
CA GLY A 351 -5.09 55.86 42.91
C GLY A 351 -3.66 56.30 42.76
N ARG A 352 -3.19 57.14 43.68
CA ARG A 352 -1.82 57.63 43.63
C ARG A 352 -1.13 57.65 44.98
N TRP A 353 0.20 57.68 44.95
CA TRP A 353 1.00 57.77 46.15
C TRP A 353 1.46 59.22 46.17
N LYS A 354 1.14 59.93 47.25
CA LYS A 354 1.50 61.34 47.35
C LYS A 354 2.44 61.60 48.53
N GLY A 355 3.17 60.56 48.92
CA GLY A 355 4.09 60.69 50.02
C GLY A 355 5.52 60.85 49.50
N SER A 356 6.49 60.65 50.38
CA SER A 356 7.90 60.78 50.01
C SER A 356 8.26 59.90 48.82
N GLU A 357 9.04 60.44 47.89
CA GLU A 357 9.47 59.70 46.73
C GLU A 357 10.80 59.03 47.03
N LYS A 358 11.26 59.18 48.26
CA LYS A 358 12.52 58.61 48.68
C LYS A 358 12.50 57.08 48.66
N VAL A 359 13.56 56.50 48.12
CA VAL A 359 13.69 55.05 48.03
C VAL A 359 14.94 54.65 48.80
N ARG A 360 14.78 54.32 50.08
CA ARG A 360 15.89 53.92 50.91
C ARG A 360 16.64 52.75 50.28
N ASP A 361 17.83 52.44 50.80
CA ASP A 361 18.62 51.35 50.26
C ASP A 361 18.24 50.03 50.91
N ILE A 362 17.28 49.35 50.31
CA ILE A 362 16.81 48.06 50.82
C ILE A 362 17.32 46.91 49.95
N PRO A 363 17.60 45.76 50.58
CA PRO A 363 18.09 44.57 49.86
C PRO A 363 17.22 44.23 48.66
N LEU A 364 17.86 43.88 47.55
CA LEU A 364 17.14 43.52 46.34
C LEU A 364 16.37 42.21 46.55
N PRO A 365 15.37 41.94 45.71
CA PRO A 365 14.58 40.71 45.82
C PRO A 365 15.46 39.50 45.55
N GLU A 366 15.35 38.48 46.38
CA GLU A 366 16.13 37.26 46.23
C GLU A 366 15.35 36.21 45.43
N GLU A 367 15.96 35.66 44.40
CA GLU A 367 15.29 34.64 43.59
C GLU A 367 15.40 33.27 44.24
N LEU A 368 14.32 32.51 44.18
CA LEU A 368 14.27 31.16 44.72
C LEU A 368 14.55 30.21 43.56
N VAL A 369 15.77 29.68 43.53
CA VAL A 369 16.19 28.77 42.46
C VAL A 369 16.11 27.31 42.89
N PHE A 370 15.07 26.62 42.45
CA PHE A 370 14.88 25.22 42.79
C PHE A 370 15.82 24.33 41.96
N THR A 371 16.17 23.18 42.50
CA THR A 371 17.03 22.23 41.81
C THR A 371 16.11 21.21 41.14
N VAL A 372 16.13 21.18 39.81
CA VAL A 372 15.27 20.26 39.07
C VAL A 372 16.02 19.44 38.03
N ASP A 373 15.47 18.27 37.71
CA ASP A 373 16.07 17.41 36.70
C ASP A 373 15.11 17.33 35.53
N GLU A 374 15.25 16.29 34.70
CA GLU A 374 14.38 16.12 33.55
C GLU A 374 12.97 15.69 33.94
N LYS A 375 12.85 14.85 34.96
CA LYS A 375 11.54 14.39 35.39
C LYS A 375 10.68 15.56 35.85
N ILE A 376 11.16 16.29 36.84
CA ILE A 376 10.45 17.45 37.39
C ILE A 376 9.93 18.37 36.29
N LEU A 377 10.79 18.65 35.30
CA LEU A 377 10.41 19.52 34.20
C LEU A 377 9.28 18.92 33.38
N ASN A 378 9.25 17.60 33.30
CA ASN A 378 8.20 16.91 32.55
C ASN A 378 6.90 16.99 33.34
N ASP A 379 7.00 16.92 34.66
CA ASP A 379 5.82 17.02 35.52
C ASP A 379 5.26 18.43 35.39
N VAL A 380 6.13 19.42 35.47
CA VAL A 380 5.74 20.82 35.34
C VAL A 380 5.04 21.00 34.00
N SER A 381 5.62 20.43 32.96
CA SER A 381 5.07 20.51 31.62
C SER A 381 3.68 19.89 31.59
N GLN A 382 3.54 18.76 32.27
CA GLN A 382 2.28 18.05 32.33
C GLN A 382 1.25 18.87 33.13
N ALA A 383 1.71 19.46 34.22
CA ALA A 383 0.85 20.27 35.08
C ALA A 383 0.26 21.44 34.31
N LYS A 384 1.12 22.18 33.62
CA LYS A 384 0.67 23.33 32.84
C LYS A 384 -0.40 22.95 31.83
N ALA A 385 -0.12 21.91 31.05
CA ALA A 385 -1.03 21.44 30.02
C ALA A 385 -2.41 21.04 30.51
N GLN A 386 -2.47 20.28 31.61
CA GLN A 386 -3.75 19.85 32.13
C GLN A 386 -4.58 20.99 32.69
N HIS A 387 -3.93 21.98 33.30
CA HIS A 387 -4.66 23.13 33.84
C HIS A 387 -5.21 23.97 32.70
N LEU A 388 -4.37 24.23 31.70
CA LEU A 388 -4.79 25.03 30.55
C LEU A 388 -5.91 24.36 29.77
N LYS A 389 -5.78 23.05 29.57
CA LYS A 389 -6.80 22.31 28.84
C LYS A 389 -8.12 22.31 29.60
N ALA A 390 -8.04 22.13 30.91
CA ALA A 390 -9.22 22.11 31.76
C ALA A 390 -9.86 23.49 31.87
N ALA A 391 -9.03 24.50 32.09
CA ALA A 391 -9.52 25.88 32.22
C ALA A 391 -10.17 26.38 30.94
N SER A 392 -9.69 25.92 29.79
CA SER A 392 -10.22 26.35 28.50
C SER A 392 -11.66 25.91 28.27
N ASP A 393 -12.16 25.02 29.13
CA ASP A 393 -13.53 24.54 29.00
C ASP A 393 -14.48 25.38 29.86
N LEU A 394 -13.92 26.39 30.51
CA LEU A 394 -14.71 27.26 31.37
C LEU A 394 -15.35 28.44 30.66
N GLN A 395 -16.64 28.63 30.89
CA GLN A 395 -17.37 29.74 30.33
C GLN A 395 -17.82 30.62 31.48
N ILE A 396 -17.55 31.91 31.39
CA ILE A 396 -17.94 32.85 32.43
C ILE A 396 -18.77 33.99 31.87
N ALA A 397 -19.87 34.31 32.54
CA ALA A 397 -20.75 35.39 32.12
C ALA A 397 -20.88 36.34 33.31
N ALA A 398 -20.56 37.62 33.10
CA ALA A 398 -20.65 38.61 34.16
C ALA A 398 -21.36 39.87 33.68
N SER A 399 -22.44 40.23 34.35
CA SER A 399 -23.20 41.41 33.98
C SER A 399 -23.78 42.14 35.19
N THR A 400 -24.24 43.37 34.95
CA THR A 400 -24.82 44.20 36.01
C THR A 400 -26.26 44.55 35.68
N PHE A 401 -27.12 44.48 36.70
CA PHE A 401 -28.54 44.80 36.52
C PHE A 401 -28.85 46.08 37.28
N THR A 402 -29.57 47.00 36.64
CA THR A 402 -29.93 48.27 37.26
C THR A 402 -31.35 48.68 36.89
N LEU A 414 -38.96 42.68 50.76
CA LEU A 414 -38.42 41.63 49.90
C LEU A 414 -36.89 41.72 49.84
N HIS A 415 -36.23 40.99 50.72
CA HIS A 415 -34.77 40.98 50.79
C HIS A 415 -34.18 40.74 49.41
N PRO A 416 -33.12 41.50 49.07
CA PRO A 416 -32.46 41.37 47.76
C PRO A 416 -31.92 39.97 47.47
N ASP A 417 -31.35 39.32 48.48
CA ASP A 417 -30.80 37.97 48.29
C ASP A 417 -31.89 36.99 47.94
N THR A 418 -33.00 37.04 48.68
CA THR A 418 -34.11 36.15 48.43
C THR A 418 -34.67 36.43 47.05
N PHE A 419 -34.76 37.71 46.71
CA PHE A 419 -35.26 38.14 45.41
C PHE A 419 -34.42 37.49 44.30
N ILE A 420 -33.10 37.56 44.46
CA ILE A 420 -32.17 37.01 43.48
C ILE A 420 -32.23 35.48 43.43
N GLN A 421 -32.36 34.85 44.58
CA GLN A 421 -32.42 33.39 44.63
C GLN A 421 -33.65 32.87 43.90
N LEU A 422 -34.80 33.51 44.12
CA LEU A 422 -36.05 33.10 43.47
C LEU A 422 -36.01 33.39 41.97
N ALA A 423 -35.43 34.54 41.63
CA ALA A 423 -35.30 34.94 40.23
C ALA A 423 -34.50 33.88 39.47
N LEU A 424 -33.49 33.33 40.15
CA LEU A 424 -32.63 32.30 39.57
C LEU A 424 -33.44 31.01 39.40
N GLN A 425 -34.29 30.69 40.37
CA GLN A 425 -35.12 29.51 40.29
C GLN A 425 -35.99 29.61 39.03
N LEU A 426 -36.61 30.77 38.84
CA LEU A 426 -37.46 31.00 37.68
C LEU A 426 -36.66 30.96 36.38
N ALA A 427 -35.48 31.57 36.38
CA ALA A 427 -34.62 31.59 35.20
C ALA A 427 -34.22 30.18 34.77
N TYR A 428 -33.81 29.36 35.73
CA TYR A 428 -33.40 27.99 35.43
C TYR A 428 -34.60 27.18 34.96
N TYR A 429 -35.72 27.36 35.63
CA TYR A 429 -36.95 26.66 35.30
C TYR A 429 -37.36 26.96 33.86
N ARG A 430 -37.29 28.23 33.47
CA ARG A 430 -37.65 28.65 32.12
C ARG A 430 -36.65 28.16 31.07
N LEU A 431 -35.36 28.28 31.38
CA LEU A 431 -34.32 27.88 30.45
C LEU A 431 -34.15 26.37 30.27
N HIS A 432 -34.29 25.61 31.35
CA HIS A 432 -34.11 24.16 31.27
C HIS A 432 -35.37 23.32 31.42
N GLY A 433 -36.51 23.97 31.63
CA GLY A 433 -37.78 23.26 31.75
C GLY A 433 -38.02 22.39 32.97
N ARG A 434 -37.25 22.61 34.05
CA ARG A 434 -37.44 21.83 35.27
C ARG A 434 -36.79 22.53 36.47
N PRO A 435 -37.24 22.22 37.69
CA PRO A 435 -36.66 22.86 38.88
C PRO A 435 -35.19 22.48 39.04
N GLY A 436 -34.34 23.47 39.32
CA GLY A 436 -32.93 23.18 39.49
C GLY A 436 -32.56 23.12 40.96
N CYS A 437 -32.13 21.94 41.44
CA CYS A 437 -31.75 21.84 42.85
C CYS A 437 -30.64 22.85 43.04
N CYS A 438 -30.82 23.70 44.04
CA CYS A 438 -29.87 24.77 44.28
C CYS A 438 -29.26 24.82 45.67
N TYR A 439 -27.96 25.10 45.69
CA TYR A 439 -27.19 25.24 46.91
C TYR A 439 -26.88 26.72 47.10
N GLU A 440 -27.29 27.29 48.22
CA GLU A 440 -26.94 28.68 48.50
C GLU A 440 -26.21 28.70 49.82
N THR A 441 -25.06 29.36 49.85
CA THR A 441 -24.28 29.44 51.06
C THR A 441 -24.98 30.28 52.12
N ALA A 442 -24.93 29.78 53.35
CA ALA A 442 -25.49 30.50 54.49
C ALA A 442 -24.31 30.55 55.46
N MET A 443 -23.96 31.74 55.94
CA MET A 443 -22.86 31.87 56.90
C MET A 443 -23.37 31.56 58.31
N THR A 444 -22.55 30.88 59.09
CA THR A 444 -22.90 30.53 60.45
C THR A 444 -21.91 31.19 61.43
N ARG A 445 -21.45 32.39 61.08
CA ARG A 445 -20.47 33.10 61.90
C ARG A 445 -20.93 33.60 63.28
N TYR A 446 -22.18 33.36 63.63
CA TYR A 446 -22.64 33.76 64.96
C TYR A 446 -21.94 32.83 65.96
N PHE A 447 -21.54 31.66 65.46
CA PHE A 447 -20.90 30.65 66.30
C PHE A 447 -19.39 30.54 66.14
N TYR A 448 -18.74 30.01 67.18
CA TYR A 448 -17.30 29.83 67.20
C TYR A 448 -16.81 29.07 65.97
N HIS A 449 -15.91 29.71 65.22
CA HIS A 449 -15.34 29.15 63.99
C HIS A 449 -16.40 28.70 63.01
N GLY A 450 -17.60 29.27 63.11
CA GLY A 450 -18.66 28.90 62.20
C GLY A 450 -18.35 29.32 60.78
N ARG A 451 -18.57 28.42 59.83
CA ARG A 451 -18.33 28.76 58.46
C ARG A 451 -19.60 28.80 57.63
N THR A 452 -20.03 27.67 57.10
CA THR A 452 -21.25 27.67 56.29
C THR A 452 -22.25 26.56 56.57
N GLU A 453 -23.41 26.72 55.97
CA GLU A 453 -24.52 25.77 56.04
C GLU A 453 -25.17 25.84 54.67
N THR A 454 -25.88 24.80 54.29
CA THR A 454 -26.55 24.79 53.00
C THR A 454 -27.99 25.27 53.08
N VAL A 455 -28.37 26.14 52.15
CA VAL A 455 -29.75 26.62 52.06
C VAL A 455 -30.18 26.03 50.73
N ARG A 456 -31.27 25.25 50.74
CA ARG A 456 -31.78 24.63 49.51
C ARG A 456 -32.92 25.48 48.94
N SER A 457 -32.56 26.34 47.98
CA SER A 457 -33.50 27.27 47.35
C SER A 457 -34.64 26.66 46.53
N CYS A 458 -34.46 25.42 46.06
CA CYS A 458 -35.50 24.80 45.27
C CYS A 458 -36.56 24.16 46.16
N THR A 459 -37.42 25.01 46.73
CA THR A 459 -38.49 24.56 47.61
C THR A 459 -39.79 24.32 46.87
N VAL A 460 -40.77 23.72 47.54
CA VAL A 460 -42.07 23.47 46.94
C VAL A 460 -42.68 24.83 46.59
N GLU A 461 -42.56 25.78 47.50
CA GLU A 461 -43.10 27.13 47.30
C GLU A 461 -42.51 27.76 46.04
N ALA A 462 -41.19 27.67 45.89
CA ALA A 462 -40.52 28.23 44.73
C ALA A 462 -41.04 27.61 43.43
N VAL A 463 -41.20 26.31 43.43
CA VAL A 463 -41.69 25.62 42.24
C VAL A 463 -43.15 25.98 41.94
N ARG A 464 -43.98 26.04 42.96
CA ARG A 464 -45.39 26.40 42.75
C ARG A 464 -45.45 27.77 42.09
N TRP A 465 -44.59 28.68 42.54
CA TRP A 465 -44.55 30.03 41.98
C TRP A 465 -44.09 30.00 40.53
N CYS A 466 -43.01 29.27 40.25
CA CYS A 466 -42.49 29.17 38.90
C CYS A 466 -43.57 28.66 37.94
N GLN A 467 -44.32 27.65 38.36
CA GLN A 467 -45.38 27.11 37.52
C GLN A 467 -46.44 28.18 37.21
N SER A 468 -46.85 28.92 38.23
CA SER A 468 -47.87 29.96 38.04
C SER A 468 -47.38 31.07 37.12
N MET A 469 -46.06 31.30 37.09
CA MET A 469 -45.49 32.32 36.22
C MET A 469 -45.53 31.90 34.77
N GLN A 470 -45.60 30.59 34.54
CA GLN A 470 -45.64 30.06 33.17
C GLN A 470 -47.06 29.60 32.81
N ASP A 471 -47.98 29.76 33.76
CA ASP A 471 -49.36 29.37 33.56
C ASP A 471 -50.20 30.53 33.00
N PRO A 472 -50.63 30.43 31.73
CA PRO A 472 -51.43 31.44 31.03
C PRO A 472 -52.75 31.75 31.73
N SER A 473 -53.30 30.77 32.45
CA SER A 473 -54.56 30.96 33.14
C SER A 473 -54.36 31.52 34.54
N ALA A 474 -53.11 31.69 34.95
CA ALA A 474 -52.80 32.22 36.26
C ALA A 474 -53.08 33.72 36.29
N SER A 475 -53.71 34.17 37.37
CA SER A 475 -54.03 35.59 37.51
C SER A 475 -52.83 36.33 38.11
N LEU A 476 -52.87 37.66 38.04
CA LEU A 476 -51.80 38.50 38.57
C LEU A 476 -51.69 38.30 40.08
N LEU A 477 -52.83 38.30 40.75
CA LEU A 477 -52.87 38.13 42.20
C LEU A 477 -52.32 36.78 42.64
N GLU A 478 -52.63 35.74 41.86
CA GLU A 478 -52.18 34.39 42.17
C GLU A 478 -50.65 34.34 42.17
N ARG A 479 -50.06 34.88 41.10
CA ARG A 479 -48.61 34.90 40.96
C ARG A 479 -47.90 35.67 42.07
N GLN A 480 -48.42 36.85 42.43
CA GLN A 480 -47.81 37.63 43.49
C GLN A 480 -47.94 36.89 44.81
N GLN A 481 -49.12 36.37 45.07
CA GLN A 481 -49.38 35.64 46.31
C GLN A 481 -48.38 34.51 46.47
N LYS A 482 -48.21 33.71 45.42
CA LYS A 482 -47.27 32.59 45.47
C LYS A 482 -45.82 33.04 45.53
N MET A 483 -45.50 34.18 44.90
CA MET A 483 -44.13 34.67 44.93
C MET A 483 -43.80 35.08 46.35
N LEU A 484 -44.79 35.65 47.04
CA LEU A 484 -44.59 36.09 48.42
C LEU A 484 -44.43 34.90 49.35
N GLU A 485 -45.21 33.84 49.12
CA GLU A 485 -45.11 32.66 49.96
C GLU A 485 -43.71 32.05 49.80
N ALA A 486 -43.18 32.12 48.59
CA ALA A 486 -41.84 31.61 48.30
C ALA A 486 -40.81 32.46 49.05
N PHE A 487 -41.02 33.78 49.06
CA PHE A 487 -40.12 34.70 49.75
C PHE A 487 -40.09 34.37 51.24
N ALA A 488 -41.28 34.19 51.81
CA ALA A 488 -41.42 33.88 53.23
C ALA A 488 -40.69 32.61 53.59
N LYS A 489 -40.82 31.58 52.75
CA LYS A 489 -40.17 30.31 52.99
C LYS A 489 -38.65 30.45 52.96
N HIS A 490 -38.13 31.11 51.92
CA HIS A 490 -36.69 31.28 51.79
C HIS A 490 -36.11 32.10 52.94
N ASN A 491 -36.83 33.13 53.38
CA ASN A 491 -36.36 33.96 54.49
C ASN A 491 -36.21 33.14 55.76
N LYS A 492 -37.23 32.35 56.08
CA LYS A 492 -37.18 31.51 57.27
C LYS A 492 -36.04 30.51 57.15
N MET A 493 -35.83 30.01 55.95
CA MET A 493 -34.80 29.03 55.65
C MET A 493 -33.41 29.65 55.91
N MET A 494 -33.15 30.79 55.30
CA MET A 494 -31.87 31.47 55.48
C MET A 494 -31.63 31.82 56.94
N LYS A 495 -32.69 32.23 57.65
CA LYS A 495 -32.57 32.58 59.06
C LYS A 495 -32.17 31.38 59.90
N ASP A 496 -32.94 30.30 59.79
CA ASP A 496 -32.66 29.09 60.54
C ASP A 496 -31.24 28.58 60.25
N CYS A 497 -30.88 28.52 58.97
CA CYS A 497 -29.56 28.03 58.61
C CYS A 497 -28.44 28.88 59.19
N SER A 498 -28.53 30.19 59.05
CA SER A 498 -27.50 31.06 59.59
C SER A 498 -27.45 30.95 61.12
N HIS A 499 -28.56 30.54 61.71
CA HIS A 499 -28.64 30.37 63.16
C HIS A 499 -28.30 28.96 63.60
N GLY A 500 -27.75 28.17 62.68
CA GLY A 500 -27.37 26.82 63.01
C GLY A 500 -28.50 25.82 63.06
N LYS A 501 -29.64 26.17 62.48
CA LYS A 501 -30.80 25.27 62.48
C LYS A 501 -31.06 24.62 61.13
N GLY A 502 -30.05 24.66 60.25
CA GLY A 502 -30.18 24.01 58.95
C GLY A 502 -30.04 22.53 59.20
N PHE A 503 -30.10 21.71 58.15
CA PHE A 503 -29.99 20.26 58.34
C PHE A 503 -28.91 19.56 57.52
N ASP A 504 -28.38 20.22 56.49
CA ASP A 504 -27.36 19.60 55.64
C ASP A 504 -26.09 19.20 56.39
N ARG A 505 -25.55 20.09 57.20
CA ARG A 505 -24.34 19.76 57.95
C ARG A 505 -24.68 18.73 59.02
N HIS A 506 -25.89 18.82 59.56
CA HIS A 506 -26.34 17.90 60.58
C HIS A 506 -26.32 16.47 60.06
N LEU A 507 -26.91 16.24 58.89
CA LEU A 507 -26.92 14.91 58.30
C LEU A 507 -25.50 14.43 57.97
N LEU A 508 -24.64 15.37 57.55
CA LEU A 508 -23.25 15.01 57.24
C LEU A 508 -22.60 14.52 58.52
N GLY A 509 -22.90 15.20 59.63
CA GLY A 509 -22.35 14.81 60.91
C GLY A 509 -22.76 13.41 61.32
N LEU A 510 -24.02 13.05 61.06
CA LEU A 510 -24.50 11.72 61.41
C LEU A 510 -23.73 10.69 60.59
N LEU A 511 -23.59 10.98 59.31
CA LEU A 511 -22.86 10.10 58.40
C LEU A 511 -21.42 9.89 58.86
N LEU A 512 -20.76 10.99 59.23
CA LEU A 512 -19.37 10.92 59.67
C LEU A 512 -19.19 10.20 61.01
N ILE A 513 -20.19 10.29 61.88
CA ILE A 513 -20.14 9.58 63.16
C ILE A 513 -20.05 8.08 62.83
N ALA A 514 -20.89 7.65 61.91
CA ALA A 514 -20.92 6.25 61.50
C ALA A 514 -19.55 5.81 60.97
N LYS A 515 -19.11 6.48 59.90
CA LYS A 515 -17.84 6.15 59.27
C LYS A 515 -16.66 6.16 60.23
N GLU A 516 -16.60 7.16 61.09
CA GLU A 516 -15.50 7.27 62.04
C GLU A 516 -15.40 6.06 62.97
N GLU A 517 -16.52 5.40 63.22
CA GLU A 517 -16.53 4.21 64.10
C GLU A 517 -16.55 2.91 63.32
N GLY A 518 -16.44 3.00 62.00
CA GLY A 518 -16.46 1.81 61.17
C GLY A 518 -17.82 1.17 61.01
N LEU A 519 -18.88 1.93 61.29
CA LEU A 519 -20.25 1.43 61.17
C LEU A 519 -20.76 1.72 59.76
N PRO A 520 -21.67 0.88 59.24
CA PRO A 520 -22.23 1.05 57.90
C PRO A 520 -22.94 2.37 57.59
N VAL A 521 -22.92 2.73 56.31
CA VAL A 521 -23.58 3.95 55.86
C VAL A 521 -25.09 3.74 55.94
N PRO A 522 -25.80 4.63 56.65
CA PRO A 522 -27.27 4.50 56.78
C PRO A 522 -27.96 4.53 55.41
N GLU A 523 -29.03 3.76 55.28
CA GLU A 523 -29.79 3.67 54.03
C GLU A 523 -30.28 5.03 53.53
N LEU A 524 -30.53 5.95 54.46
CA LEU A 524 -31.00 7.29 54.11
C LEU A 524 -30.13 7.98 53.06
N PHE A 525 -28.82 7.79 53.16
CA PHE A 525 -27.91 8.43 52.22
C PHE A 525 -27.80 7.73 50.87
N GLU A 526 -28.23 6.47 50.82
CA GLU A 526 -28.17 5.70 49.57
C GLU A 526 -29.44 5.88 48.74
N ASP A 527 -30.45 6.48 49.37
CA ASP A 527 -31.75 6.77 48.75
C ASP A 527 -31.53 7.59 47.49
N PRO A 528 -32.21 7.24 46.39
CA PRO A 528 -32.03 8.01 45.15
C PRO A 528 -32.37 9.50 45.32
N LEU A 529 -33.37 9.79 46.14
CA LEU A 529 -33.79 11.16 46.38
C LEU A 529 -32.78 12.00 47.16
N PHE A 530 -31.93 11.33 47.93
CA PHE A 530 -30.93 12.06 48.69
C PHE A 530 -29.96 12.82 47.80
N SER A 531 -29.53 12.20 46.71
CA SER A 531 -28.61 12.86 45.80
C SER A 531 -29.36 13.66 44.74
N ARG A 532 -30.58 13.24 44.42
CA ARG A 532 -31.36 13.95 43.42
C ARG A 532 -31.71 15.35 43.92
N SER A 533 -31.91 15.48 45.23
CA SER A 533 -32.23 16.78 45.81
C SER A 533 -30.96 17.62 45.98
N GLY A 534 -29.81 17.02 45.68
CA GLY A 534 -28.55 17.75 45.80
C GLY A 534 -27.52 17.17 46.73
N GLY A 535 -27.95 16.36 47.68
CA GLY A 535 -27.02 15.75 48.62
C GLY A 535 -25.82 15.13 47.93
N GLY A 536 -24.68 15.14 48.61
CA GLY A 536 -23.48 14.55 48.03
C GLY A 536 -22.80 15.44 46.99
N GLY A 537 -23.05 16.75 47.07
CA GLY A 537 -22.45 17.68 46.13
C GLY A 537 -22.99 17.55 44.73
N ASN A 538 -24.32 17.38 44.61
CA ASN A 538 -24.97 17.23 43.33
C ASN A 538 -25.92 18.36 42.96
N PHE A 539 -25.59 19.58 43.36
CA PHE A 539 -26.43 20.72 43.05
C PHE A 539 -26.12 21.28 41.66
N VAL A 540 -27.16 21.37 40.82
CA VAL A 540 -26.98 21.88 39.46
C VAL A 540 -26.76 23.40 39.50
N LEU A 541 -27.11 24.01 40.63
CA LEU A 541 -26.90 25.44 40.83
C LEU A 541 -26.12 25.60 42.13
N SER A 542 -24.89 26.08 42.02
CA SER A 542 -24.02 26.31 43.17
C SER A 542 -23.98 27.83 43.30
N THR A 543 -24.50 28.34 44.41
CA THR A 543 -24.59 29.80 44.56
C THR A 543 -24.27 30.39 45.92
N SER A 544 -24.11 31.71 45.92
CA SER A 544 -23.84 32.47 47.14
C SER A 544 -23.79 33.96 46.90
N LEU A 545 -24.20 34.70 47.92
CA LEU A 545 -24.14 36.16 47.88
C LEU A 545 -22.71 36.43 48.32
N VAL A 546 -22.03 37.36 47.67
CA VAL A 546 -20.66 37.66 48.06
C VAL A 546 -20.53 38.99 48.81
N GLY A 547 -21.64 39.50 49.31
CA GLY A 547 -21.61 40.73 50.07
C GLY A 547 -22.18 41.98 49.44
N TYR A 548 -21.93 43.11 50.10
CA TYR A 548 -22.40 44.40 49.64
C TYR A 548 -21.20 45.36 49.63
N LEU A 549 -20.02 44.85 49.28
CA LEU A 549 -18.82 45.68 49.26
C LEU A 549 -18.17 45.91 47.89
N ARG A 550 -18.98 45.86 46.84
CA ARG A 550 -18.52 46.10 45.47
C ARG A 550 -17.50 45.10 44.91
N VAL A 551 -17.30 43.98 45.61
CA VAL A 551 -16.38 42.96 45.13
C VAL A 551 -17.18 41.73 44.70
N GLN A 552 -16.76 41.10 43.61
CA GLN A 552 -17.45 39.92 43.12
C GLN A 552 -16.52 38.71 43.14
N GLY A 553 -17.08 37.53 43.41
CA GLY A 553 -16.29 36.33 43.45
C GLY A 553 -16.96 35.24 42.65
N VAL A 554 -16.24 34.15 42.36
CA VAL A 554 -16.82 33.07 41.59
C VAL A 554 -15.98 31.80 41.69
N VAL A 555 -16.62 30.67 41.42
CA VAL A 555 -15.98 29.37 41.40
C VAL A 555 -16.64 28.62 40.25
N VAL A 556 -16.05 27.51 39.82
CA VAL A 556 -16.63 26.75 38.73
C VAL A 556 -17.83 25.97 39.27
N PRO A 557 -18.69 25.45 38.37
CA PRO A 557 -19.86 24.68 38.80
C PRO A 557 -19.51 23.51 39.71
N MET A 558 -20.49 23.04 40.47
CA MET A 558 -20.29 21.92 41.39
C MET A 558 -20.40 20.61 40.61
N VAL A 559 -21.13 20.64 39.50
CA VAL A 559 -21.31 19.47 38.66
C VAL A 559 -21.16 19.84 37.18
N HIS A 560 -20.70 18.88 36.38
CA HIS A 560 -20.48 19.08 34.96
C HIS A 560 -21.65 19.71 34.23
N ASN A 561 -22.87 19.27 34.53
CA ASN A 561 -24.05 19.81 33.89
C ASN A 561 -24.68 20.89 34.76
N GLY A 562 -23.86 21.54 35.58
CA GLY A 562 -24.37 22.56 36.45
C GLY A 562 -23.85 23.97 36.20
N TYR A 563 -24.24 24.88 37.08
CA TYR A 563 -23.84 26.28 36.97
C TYR A 563 -23.30 26.77 38.29
N GLY A 564 -22.53 27.85 38.21
CA GLY A 564 -22.00 28.50 39.39
C GLY A 564 -22.66 29.85 39.24
N PHE A 565 -23.36 30.33 40.26
CA PHE A 565 -24.00 31.63 40.16
C PHE A 565 -23.78 32.42 41.43
N PHE A 566 -23.00 33.49 41.30
CA PHE A 566 -22.65 34.32 42.44
C PHE A 566 -22.99 35.77 42.15
N TYR A 567 -23.14 36.56 43.21
CA TYR A 567 -23.55 37.95 43.02
C TYR A 567 -23.31 38.81 44.25
N HIS A 568 -23.30 40.12 44.05
CA HIS A 568 -23.16 41.04 45.16
C HIS A 568 -24.17 42.16 44.94
N ILE A 569 -24.56 42.81 46.03
CA ILE A 569 -25.59 43.84 45.95
C ILE A 569 -25.14 45.24 46.36
N ARG A 570 -25.48 46.22 45.53
CA ARG A 570 -25.18 47.62 45.80
C ARG A 570 -26.54 48.29 45.94
N ASP A 571 -26.57 49.46 46.55
CA ASP A 571 -27.83 50.16 46.75
C ASP A 571 -28.56 50.49 45.44
N ASP A 572 -27.85 50.46 44.32
CA ASP A 572 -28.47 50.79 43.05
C ASP A 572 -28.29 49.75 41.94
N ARG A 573 -27.83 48.56 42.27
CA ARG A 573 -27.62 47.54 41.25
C ARG A 573 -27.33 46.14 41.80
N PHE A 574 -27.46 45.15 40.92
CA PHE A 574 -27.15 43.77 41.25
C PHE A 574 -26.05 43.38 40.27
N VAL A 575 -24.95 42.85 40.78
CA VAL A 575 -23.85 42.43 39.91
C VAL A 575 -23.79 40.91 40.01
N VAL A 576 -23.69 40.23 38.86
CA VAL A 576 -23.64 38.78 38.86
C VAL A 576 -22.49 38.18 38.07
N ALA A 577 -22.11 36.97 38.45
CA ALA A 577 -21.05 36.22 37.80
C ALA A 577 -21.53 34.77 37.75
N CYS A 578 -21.56 34.20 36.55
CA CYS A 578 -22.03 32.84 36.35
C CYS A 578 -21.02 31.99 35.57
N SER A 579 -20.88 30.74 35.99
CA SER A 579 -19.95 29.82 35.34
C SER A 579 -20.67 28.55 34.87
N SER A 580 -20.16 27.98 33.78
CA SER A 580 -20.71 26.76 33.20
C SER A 580 -19.62 26.11 32.37
N TRP A 581 -19.77 24.83 32.08
CA TRP A 581 -18.78 24.12 31.28
C TRP A 581 -19.20 24.02 29.83
N ARG A 582 -18.31 24.44 28.93
CA ARG A 582 -18.58 24.39 27.50
C ARG A 582 -18.81 22.97 27.04
N SER A 583 -18.03 22.03 27.57
CA SER A 583 -18.17 20.63 27.21
C SER A 583 -19.59 20.11 27.48
N CYS A 584 -20.37 20.88 28.24
CA CYS A 584 -21.75 20.50 28.51
C CYS A 584 -22.62 21.36 27.61
N PRO A 585 -23.12 20.79 26.50
CA PRO A 585 -23.97 21.47 25.52
C PRO A 585 -25.27 22.05 26.06
N GLU A 586 -25.77 21.47 27.15
CA GLU A 586 -27.03 21.94 27.74
C GLU A 586 -26.92 23.25 28.51
N THR A 587 -25.75 23.52 29.08
CA THR A 587 -25.57 24.74 29.86
C THR A 587 -24.90 25.90 29.11
N ASP A 588 -25.30 27.11 29.46
CA ASP A 588 -24.75 28.32 28.87
C ASP A 588 -24.87 29.46 29.88
N ALA A 589 -23.73 29.87 30.43
CA ALA A 589 -23.69 30.93 31.43
C ALA A 589 -24.31 32.23 30.94
N GLU A 590 -24.00 32.61 29.71
CA GLU A 590 -24.51 33.84 29.14
C GLU A 590 -26.04 33.80 29.06
N LYS A 591 -26.58 32.72 28.51
CA LYS A 591 -28.02 32.56 28.38
C LYS A 591 -28.72 32.60 29.73
N LEU A 592 -28.14 31.95 30.74
CA LEU A 592 -28.74 31.93 32.08
C LEU A 592 -28.78 33.33 32.68
N VAL A 593 -27.71 34.10 32.48
CA VAL A 593 -27.67 35.46 33.00
C VAL A 593 -28.76 36.30 32.32
N GLN A 594 -28.89 36.14 31.01
CA GLN A 594 -29.92 36.87 30.28
C GLN A 594 -31.29 36.53 30.85
N MET A 595 -31.50 35.24 31.10
CA MET A 595 -32.77 34.76 31.63
C MET A 595 -33.09 35.30 33.02
N ILE A 596 -32.09 35.39 33.89
CA ILE A 596 -32.37 35.89 35.24
C ILE A 596 -32.69 37.40 35.20
N PHE A 597 -32.07 38.12 34.27
CA PHE A 597 -32.33 39.55 34.14
C PHE A 597 -33.78 39.72 33.72
N HIS A 598 -34.22 38.88 32.78
CA HIS A 598 -35.60 38.91 32.32
C HIS A 598 -36.47 38.59 33.52
N ALA A 599 -35.99 37.67 34.35
CA ALA A 599 -36.70 37.26 35.56
C ALA A 599 -36.85 38.41 36.54
N PHE A 600 -35.75 39.15 36.76
CA PHE A 600 -35.81 40.30 37.67
C PHE A 600 -36.92 41.22 37.20
N HIS A 601 -36.93 41.51 35.91
CA HIS A 601 -37.93 42.37 35.28
C HIS A 601 -39.36 41.95 35.58
N ASP A 602 -39.71 40.73 35.23
CA ASP A 602 -41.06 40.23 35.45
C ASP A 602 -41.46 40.26 36.92
N MET A 603 -40.51 39.99 37.80
CA MET A 603 -40.79 40.00 39.23
C MET A 603 -41.07 41.41 39.72
N ILE A 604 -40.35 42.38 39.15
CA ILE A 604 -40.53 43.78 39.50
C ILE A 604 -41.90 44.24 39.01
N GLN A 605 -42.20 43.94 37.75
CA GLN A 605 -43.47 44.31 37.15
C GLN A 605 -44.63 43.67 37.89
N LEU A 606 -44.43 42.45 38.35
CA LEU A 606 -45.47 41.73 39.09
C LEU A 606 -45.77 42.44 40.41
N MET A 607 -44.75 42.99 41.03
CA MET A 607 -44.93 43.69 42.30
C MET A 607 -45.53 45.08 42.05
N ASN A 608 -45.13 45.71 40.95
CA ASN A 608 -45.64 47.04 40.61
C ASN A 608 -47.10 46.98 40.17
N THR A 609 -47.39 46.10 39.22
CA THR A 609 -48.75 45.96 38.73
C THR A 609 -49.64 45.55 39.89
N ALA A 610 -49.09 44.73 40.79
CA ALA A 610 -49.82 44.28 41.96
C ALA A 610 -49.99 45.43 42.94
N HIS A 611 -49.04 46.36 42.92
CA HIS A 611 -49.09 47.53 43.79
C HIS A 611 -50.47 48.14 43.61
N LEU A 612 -50.78 48.48 42.36
CA LEU A 612 -52.07 49.04 41.99
C LEU A 612 -52.47 50.22 42.86
N GLU B 11 9.70 -14.95 -22.59
CA GLU B 11 8.96 -15.08 -23.88
C GLU B 11 8.46 -16.49 -24.09
N ARG B 12 7.36 -16.61 -24.83
CA ARG B 12 6.76 -17.90 -25.17
C ARG B 12 7.03 -18.12 -26.65
N THR B 13 7.30 -19.36 -27.03
CA THR B 13 7.60 -19.72 -28.41
C THR B 13 6.74 -19.09 -29.50
N PHE B 14 5.43 -19.20 -29.37
CA PHE B 14 4.52 -18.68 -30.38
C PHE B 14 3.85 -17.34 -30.08
N GLN B 15 4.32 -16.63 -29.06
CA GLN B 15 3.69 -15.37 -28.70
C GLN B 15 3.66 -14.27 -29.76
N TYR B 16 4.59 -14.28 -30.71
CA TYR B 16 4.60 -13.24 -31.73
C TYR B 16 3.86 -13.59 -33.01
N GLN B 17 3.32 -14.79 -33.09
CA GLN B 17 2.62 -15.23 -34.29
C GLN B 17 1.49 -14.30 -34.71
N ASP B 18 0.70 -13.81 -33.75
CA ASP B 18 -0.40 -12.91 -34.08
C ASP B 18 0.08 -11.52 -34.49
N SER B 19 1.38 -11.27 -34.39
CA SER B 19 1.92 -9.95 -34.73
C SER B 19 2.68 -9.90 -36.06
N LEU B 20 2.97 -11.06 -36.63
CA LEU B 20 3.73 -11.12 -37.88
C LEU B 20 2.99 -10.48 -39.06
N PRO B 21 3.74 -9.76 -39.93
CA PRO B 21 3.15 -9.12 -41.10
C PRO B 21 2.71 -10.14 -42.15
N SER B 22 1.68 -9.79 -42.91
CA SER B 22 1.15 -10.68 -43.95
C SER B 22 2.12 -10.83 -45.12
N LEU B 23 2.10 -11.99 -45.77
CA LEU B 23 3.00 -12.19 -46.92
C LEU B 23 2.54 -11.18 -47.96
N PRO B 24 3.47 -10.38 -48.50
CA PRO B 24 3.06 -9.40 -49.50
C PRO B 24 2.91 -9.96 -50.91
N VAL B 25 2.25 -9.19 -51.77
CA VAL B 25 2.10 -9.55 -53.17
C VAL B 25 3.03 -8.55 -53.86
N PRO B 26 4.05 -9.05 -54.58
CA PRO B 26 5.01 -8.17 -55.26
C PRO B 26 4.36 -7.38 -56.38
N ALA B 27 5.06 -6.34 -56.86
CA ALA B 27 4.55 -5.53 -57.96
C ALA B 27 4.74 -6.35 -59.24
N LEU B 28 3.70 -6.39 -60.07
CA LEU B 28 3.75 -7.14 -61.32
C LEU B 28 4.88 -6.69 -62.24
N GLU B 29 5.03 -5.37 -62.40
CA GLU B 29 6.09 -4.85 -63.27
C GLU B 29 7.47 -5.31 -62.80
N GLU B 30 7.71 -5.25 -61.50
CA GLU B 30 9.00 -5.67 -60.98
C GLU B 30 9.22 -7.17 -61.15
N SER B 31 8.19 -7.97 -60.88
CA SER B 31 8.34 -9.40 -61.02
C SER B 31 8.65 -9.78 -62.48
N LEU B 32 7.93 -9.19 -63.43
CA LEU B 32 8.16 -9.49 -64.83
C LEU B 32 9.51 -9.01 -65.34
N LYS B 33 10.00 -7.90 -64.80
CA LYS B 33 11.30 -7.37 -65.20
C LYS B 33 12.39 -8.29 -64.66
N LYS B 34 12.20 -8.79 -63.44
CA LYS B 34 13.19 -9.69 -62.85
C LYS B 34 13.20 -11.01 -63.62
N TYR B 35 12.02 -11.46 -64.03
CA TYR B 35 11.90 -12.70 -64.80
C TYR B 35 12.66 -12.57 -66.13
N LEU B 36 12.40 -11.49 -66.87
CA LEU B 36 13.08 -11.26 -68.14
C LEU B 36 14.58 -11.27 -67.99
N GLU B 37 15.07 -10.57 -66.97
CA GLU B 37 16.50 -10.50 -66.71
C GLU B 37 17.05 -11.90 -66.40
N SER B 38 16.25 -12.74 -65.75
CA SER B 38 16.70 -14.07 -65.38
C SER B 38 16.79 -15.06 -66.56
N VAL B 39 16.12 -14.78 -67.67
CA VAL B 39 16.19 -15.70 -68.80
C VAL B 39 17.35 -15.38 -69.74
N LYS B 40 17.92 -14.20 -69.60
CA LYS B 40 19.01 -13.76 -70.47
C LYS B 40 20.16 -14.73 -70.66
N PRO B 41 20.63 -15.41 -69.58
CA PRO B 41 21.75 -16.35 -69.73
C PRO B 41 21.46 -17.59 -70.59
N PHE B 42 20.19 -17.86 -70.85
CA PHE B 42 19.82 -19.05 -71.59
C PHE B 42 19.20 -18.79 -72.96
N ALA B 43 19.17 -17.54 -73.38
CA ALA B 43 18.53 -17.20 -74.65
C ALA B 43 19.41 -16.61 -75.74
N ASN B 44 19.04 -16.87 -76.99
CA ASN B 44 19.77 -16.28 -78.11
C ASN B 44 18.95 -15.03 -78.43
N GLU B 45 19.45 -14.18 -79.31
CA GLU B 45 18.76 -12.94 -79.66
C GLU B 45 17.28 -13.07 -80.01
N ASP B 46 16.94 -13.98 -80.91
CA ASP B 46 15.55 -14.15 -81.32
C ASP B 46 14.65 -14.66 -80.20
N GLU B 47 15.11 -15.64 -79.44
CA GLU B 47 14.32 -16.19 -78.35
C GLU B 47 14.01 -15.10 -77.34
N TYR B 48 15.00 -14.26 -77.03
CA TYR B 48 14.78 -13.19 -76.05
C TYR B 48 13.74 -12.19 -76.56
N LYS B 49 13.85 -11.82 -77.83
CA LYS B 49 12.91 -10.87 -78.40
C LYS B 49 11.49 -11.40 -78.31
N LYS B 50 11.33 -12.70 -78.56
CA LYS B 50 10.02 -13.35 -78.47
C LYS B 50 9.48 -13.30 -77.05
N THR B 51 10.35 -13.57 -76.07
CA THR B 51 9.94 -13.56 -74.67
C THR B 51 9.56 -12.14 -74.23
N GLU B 52 10.29 -11.13 -74.71
CA GLU B 52 9.97 -9.74 -74.38
C GLU B 52 8.55 -9.41 -74.81
N GLU B 53 8.21 -9.79 -76.04
CA GLU B 53 6.87 -9.55 -76.58
C GLU B 53 5.81 -10.25 -75.75
N ILE B 54 6.07 -11.52 -75.43
CA ILE B 54 5.15 -12.31 -74.64
C ILE B 54 4.91 -11.66 -73.27
N VAL B 55 6.00 -11.23 -72.64
CA VAL B 55 5.91 -10.61 -71.31
C VAL B 55 5.19 -9.26 -71.33
N GLN B 56 5.48 -8.40 -72.32
CA GLN B 56 4.83 -7.11 -72.37
C GLN B 56 3.33 -7.30 -72.59
N LYS B 57 2.97 -8.22 -73.47
CA LYS B 57 1.56 -8.48 -73.73
C LYS B 57 0.88 -9.00 -72.48
N PHE B 58 1.59 -9.86 -71.75
CA PHE B 58 1.07 -10.42 -70.51
C PHE B 58 0.84 -9.31 -69.48
N GLN B 59 1.85 -8.48 -69.30
CA GLN B 59 1.80 -7.39 -68.34
C GLN B 59 0.68 -6.39 -68.62
N GLU B 60 0.49 -6.04 -69.88
CA GLU B 60 -0.53 -5.08 -70.27
C GLU B 60 -1.91 -5.70 -70.47
N GLY B 61 -1.97 -7.02 -70.56
CA GLY B 61 -3.25 -7.67 -70.77
C GLY B 61 -3.72 -8.68 -69.73
N ALA B 62 -3.72 -9.95 -70.12
CA ALA B 62 -4.17 -11.04 -69.27
C ALA B 62 -3.44 -11.12 -67.93
N GLY B 63 -2.14 -10.88 -67.95
CA GLY B 63 -1.36 -10.94 -66.72
C GLY B 63 -1.81 -9.90 -65.72
N LYS B 64 -2.13 -8.70 -66.20
CA LYS B 64 -2.58 -7.63 -65.31
C LYS B 64 -3.87 -8.06 -64.63
N ARG B 65 -4.77 -8.68 -65.39
CA ARG B 65 -6.04 -9.11 -64.82
C ARG B 65 -5.84 -10.21 -63.78
N LEU B 66 -4.95 -11.15 -64.06
CA LEU B 66 -4.67 -12.23 -63.12
C LEU B 66 -4.04 -11.66 -61.84
N HIS B 67 -3.19 -10.66 -62.00
CA HIS B 67 -2.53 -10.02 -60.85
C HIS B 67 -3.54 -9.29 -59.95
N GLN B 68 -4.47 -8.58 -60.57
CA GLN B 68 -5.49 -7.86 -59.82
C GLN B 68 -6.31 -8.86 -59.01
N LYS B 69 -6.52 -10.05 -59.58
CA LYS B 69 -7.26 -11.09 -58.88
C LYS B 69 -6.42 -11.62 -57.72
N LEU B 70 -5.10 -11.62 -57.89
CA LEU B 70 -4.21 -12.08 -56.82
C LEU B 70 -4.24 -11.07 -55.67
N LEU B 71 -4.24 -9.78 -56.00
CA LEU B 71 -4.29 -8.75 -54.97
C LEU B 71 -5.57 -8.93 -54.15
N GLU B 72 -6.67 -9.24 -54.84
CA GLU B 72 -7.92 -9.44 -54.13
C GLU B 72 -7.86 -10.66 -53.21
N ARG B 73 -7.24 -11.74 -53.69
CA ARG B 73 -7.11 -12.94 -52.88
C ARG B 73 -6.35 -12.63 -51.60
N ALA B 74 -5.28 -11.87 -51.72
CA ALA B 74 -4.45 -11.51 -50.58
C ALA B 74 -5.16 -10.61 -49.55
N ARG B 75 -6.20 -9.92 -49.98
CA ARG B 75 -6.93 -9.04 -49.06
C ARG B 75 -7.43 -9.81 -47.85
N GLY B 76 -7.93 -11.02 -48.08
CA GLY B 76 -8.44 -11.81 -46.98
C GLY B 76 -7.50 -12.90 -46.50
N LYS B 77 -6.19 -12.70 -46.61
CA LYS B 77 -5.24 -13.71 -46.17
C LYS B 77 -3.94 -13.18 -45.59
N ARG B 78 -3.54 -13.71 -44.44
CA ARG B 78 -2.28 -13.29 -43.84
C ARG B 78 -1.13 -13.90 -44.64
N ASN B 79 -1.44 -14.93 -45.42
CA ASN B 79 -0.45 -15.55 -46.30
C ASN B 79 -1.22 -16.14 -47.47
N TRP B 80 -1.28 -15.38 -48.57
CA TRP B 80 -2.01 -15.76 -49.78
C TRP B 80 -1.46 -17.00 -50.48
N LEU B 81 -0.19 -17.32 -50.22
CA LEU B 81 0.50 -18.44 -50.87
C LEU B 81 0.50 -19.80 -50.17
N GLU B 82 0.46 -19.78 -48.85
CA GLU B 82 0.52 -21.00 -48.03
C GLU B 82 -0.20 -22.26 -48.49
N GLU B 83 -1.50 -22.17 -48.74
CA GLU B 83 -2.26 -23.34 -49.15
C GLU B 83 -1.89 -23.81 -50.56
N TRP B 84 -1.79 -22.87 -51.49
CA TRP B 84 -1.41 -23.19 -52.87
C TRP B 84 -0.05 -23.91 -52.90
N TRP B 85 0.91 -23.35 -52.18
CA TRP B 85 2.25 -23.91 -52.15
C TRP B 85 2.23 -25.34 -51.62
N LEU B 86 1.58 -25.55 -50.48
CA LEU B 86 1.51 -26.86 -49.87
C LEU B 86 0.96 -27.88 -50.88
N ASN B 87 -0.11 -27.51 -51.57
CA ASN B 87 -0.74 -28.42 -52.53
C ASN B 87 0.04 -28.63 -53.82
N VAL B 88 0.35 -27.54 -54.52
CA VAL B 88 1.04 -27.64 -55.79
C VAL B 88 2.49 -28.13 -55.72
N ALA B 89 3.20 -27.71 -54.68
CA ALA B 89 4.60 -28.11 -54.54
C ALA B 89 4.78 -29.47 -53.87
N TYR B 90 3.78 -29.90 -53.09
CA TYR B 90 3.89 -31.17 -52.36
C TYR B 90 2.73 -32.17 -52.42
N LEU B 91 1.60 -31.79 -51.84
CA LEU B 91 0.47 -32.71 -51.74
C LEU B 91 -0.19 -33.23 -53.01
N ASP B 92 -0.16 -32.45 -54.09
CA ASP B 92 -0.75 -32.87 -55.36
C ASP B 92 0.19 -33.74 -56.18
N VAL B 93 1.48 -33.59 -55.94
CA VAL B 93 2.51 -34.33 -56.65
C VAL B 93 2.33 -35.83 -56.42
N ARG B 94 2.38 -36.60 -57.50
CA ARG B 94 2.14 -38.04 -57.45
C ARG B 94 3.33 -38.97 -57.34
N ILE B 95 4.53 -38.47 -57.65
CA ILE B 95 5.72 -39.31 -57.61
C ILE B 95 6.00 -39.76 -56.18
N PRO B 96 6.73 -40.87 -56.02
CA PRO B 96 7.04 -41.34 -54.66
C PRO B 96 7.76 -40.23 -53.89
N SER B 97 7.15 -39.74 -52.82
CA SER B 97 7.74 -38.65 -52.05
C SER B 97 8.86 -39.05 -51.08
N GLN B 98 8.77 -40.26 -50.53
CA GLN B 98 9.78 -40.70 -49.58
C GLN B 98 11.20 -40.50 -50.12
N LEU B 99 11.46 -41.01 -51.32
CA LEU B 99 12.79 -40.87 -51.92
C LEU B 99 13.01 -39.55 -52.63
N ASN B 100 12.04 -39.14 -53.44
CA ASN B 100 12.16 -37.95 -54.26
C ASN B 100 11.89 -36.59 -53.69
N VAL B 101 11.30 -36.52 -52.50
CA VAL B 101 10.95 -35.21 -51.93
C VAL B 101 11.42 -35.02 -50.49
N ASN B 102 11.33 -36.07 -49.68
CA ASN B 102 11.76 -36.00 -48.29
C ASN B 102 13.21 -35.55 -48.22
N PHE B 103 13.57 -34.79 -47.19
CA PHE B 103 14.96 -34.39 -47.02
C PHE B 103 15.49 -35.20 -45.86
N VAL B 104 16.80 -35.41 -45.84
CA VAL B 104 17.41 -36.20 -44.78
C VAL B 104 18.66 -35.51 -44.25
N GLY B 105 19.06 -35.92 -43.06
CA GLY B 105 20.25 -35.35 -42.46
C GLY B 105 20.83 -36.28 -41.41
N PRO B 106 22.16 -36.42 -41.39
CA PRO B 106 22.82 -37.28 -40.41
C PRO B 106 22.83 -36.53 -39.09
N CYS B 107 22.77 -37.26 -37.98
CA CYS B 107 22.86 -36.63 -36.66
C CYS B 107 24.39 -36.58 -36.53
N PRO B 108 24.96 -35.36 -36.40
CA PRO B 108 26.40 -35.09 -36.29
C PRO B 108 27.15 -35.47 -35.02
N HIS B 109 26.86 -36.63 -34.46
CA HIS B 109 27.50 -37.05 -33.21
C HIS B 109 28.75 -37.90 -33.39
N PHE B 110 28.95 -38.45 -34.58
CA PHE B 110 30.13 -39.28 -34.83
C PHE B 110 31.35 -38.40 -34.99
N GLU B 111 31.13 -37.08 -34.97
CA GLU B 111 32.20 -36.11 -35.11
C GLU B 111 32.93 -35.97 -33.78
N HIS B 112 32.29 -36.44 -32.71
CA HIS B 112 32.89 -36.35 -31.41
C HIS B 112 32.72 -37.57 -30.52
N TYR B 113 31.80 -37.51 -29.55
CA TYR B 113 31.59 -38.61 -28.61
C TYR B 113 31.00 -39.93 -29.08
N TRP B 114 30.30 -39.94 -30.22
CA TRP B 114 29.72 -41.19 -30.69
C TRP B 114 30.17 -41.64 -32.08
N PRO B 115 31.46 -41.99 -32.22
CA PRO B 115 31.91 -42.43 -33.54
C PRO B 115 31.27 -43.78 -33.84
N ALA B 116 31.30 -44.21 -35.10
CA ALA B 116 30.73 -45.49 -35.47
C ALA B 116 31.35 -46.60 -34.64
N ARG B 117 30.50 -47.46 -34.08
CA ARG B 117 30.95 -48.58 -33.27
C ARG B 117 29.84 -49.60 -33.10
N GLU B 118 30.09 -50.82 -33.56
CA GLU B 118 29.09 -51.88 -33.45
C GLU B 118 28.72 -52.13 -31.99
N GLY B 119 27.48 -52.56 -31.77
CA GLY B 119 27.02 -52.85 -30.43
C GLY B 119 26.55 -51.69 -29.58
N THR B 120 26.52 -50.49 -30.14
CA THR B 120 26.10 -49.31 -29.38
C THR B 120 24.73 -48.76 -29.80
N GLN B 121 24.06 -49.45 -30.72
CA GLN B 121 22.77 -49.00 -31.22
C GLN B 121 21.70 -48.72 -30.15
N LEU B 122 21.43 -49.71 -29.29
CA LEU B 122 20.39 -49.56 -28.26
C LEU B 122 20.74 -48.56 -27.14
N GLU B 123 21.98 -48.61 -26.65
CA GLU B 123 22.38 -47.68 -25.58
C GLU B 123 22.31 -46.23 -26.07
N ARG B 124 22.95 -45.95 -27.20
CA ARG B 124 22.94 -44.58 -27.73
C ARG B 124 21.49 -44.22 -28.09
N GLY B 125 20.76 -45.19 -28.61
CA GLY B 125 19.38 -44.95 -28.98
C GLY B 125 18.54 -44.47 -27.81
N SER B 126 18.75 -45.05 -26.63
CA SER B 126 18.00 -44.68 -25.44
C SER B 126 18.22 -43.21 -25.09
N MET B 127 19.45 -42.74 -25.32
CA MET B 127 19.77 -41.35 -25.04
C MET B 127 19.26 -40.43 -26.15
N MET B 128 19.29 -40.90 -27.39
CA MET B 128 18.79 -40.10 -28.51
C MET B 128 17.29 -39.83 -28.34
N LEU B 129 16.54 -40.84 -27.93
CA LEU B 129 15.10 -40.69 -27.72
C LEU B 129 14.88 -39.71 -26.57
N TRP B 130 15.68 -39.86 -25.52
CA TRP B 130 15.59 -39.01 -24.33
C TRP B 130 15.79 -37.52 -24.67
N HIS B 131 16.84 -37.20 -25.43
CA HIS B 131 17.09 -35.81 -25.80
C HIS B 131 16.02 -35.29 -26.76
N ASN B 132 15.62 -36.12 -27.71
CA ASN B 132 14.59 -35.73 -28.66
C ASN B 132 13.28 -35.44 -27.93
N LEU B 133 12.95 -36.27 -26.95
CA LEU B 133 11.71 -36.08 -26.20
C LEU B 133 11.77 -34.86 -25.30
N ASN B 134 12.96 -34.50 -24.84
CA ASN B 134 13.10 -33.32 -24.00
C ASN B 134 12.83 -32.08 -24.86
N TYR B 135 13.19 -32.15 -26.13
CA TYR B 135 12.94 -31.03 -27.03
C TYR B 135 11.42 -30.89 -27.17
N TRP B 136 10.72 -32.02 -27.24
CA TRP B 136 9.26 -32.00 -27.35
C TRP B 136 8.66 -31.30 -26.13
N GLN B 137 9.15 -31.65 -24.93
CA GLN B 137 8.64 -31.02 -23.71
C GLN B 137 8.86 -29.52 -23.73
N LEU B 138 10.02 -29.08 -24.23
CA LEU B 138 10.32 -27.67 -24.31
C LEU B 138 9.30 -26.97 -25.20
N LEU B 139 8.96 -27.60 -26.32
CA LEU B 139 8.00 -27.05 -27.26
C LEU B 139 6.60 -27.00 -26.65
N ARG B 140 6.19 -28.09 -26.02
CA ARG B 140 4.86 -28.13 -25.41
C ARG B 140 4.72 -27.08 -24.31
N ARG B 141 5.83 -26.71 -23.68
CA ARG B 141 5.80 -25.72 -22.63
C ARG B 141 6.10 -24.33 -23.21
N GLU B 142 6.33 -24.29 -24.52
CA GLU B 142 6.66 -23.06 -25.20
C GLU B 142 7.89 -22.40 -24.62
N LYS B 143 8.86 -23.24 -24.25
CA LYS B 143 10.11 -22.78 -23.67
C LYS B 143 11.18 -22.67 -24.74
N LEU B 144 10.84 -23.02 -25.98
CA LEU B 144 11.78 -22.92 -27.07
C LEU B 144 11.90 -21.44 -27.43
N PRO B 145 13.11 -20.90 -27.42
CA PRO B 145 13.33 -19.49 -27.74
C PRO B 145 12.78 -19.09 -29.11
N VAL B 146 12.24 -17.87 -29.20
CA VAL B 146 11.70 -17.35 -30.44
C VAL B 146 12.86 -16.99 -31.38
N HIS B 147 12.80 -17.44 -32.63
CA HIS B 147 13.85 -17.13 -33.60
C HIS B 147 13.73 -15.67 -33.98
N LYS B 148 14.87 -14.98 -34.08
CA LYS B 148 14.86 -13.57 -34.44
C LYS B 148 15.97 -13.20 -35.40
N SER B 149 15.69 -12.23 -36.26
CA SER B 149 16.67 -11.71 -37.21
C SER B 149 16.93 -10.34 -36.62
N GLY B 150 18.11 -10.16 -36.06
CA GLY B 150 18.40 -8.91 -35.39
C GLY B 150 17.58 -9.11 -34.13
N ASN B 151 16.58 -8.25 -33.92
CA ASN B 151 15.73 -8.39 -32.75
C ASN B 151 14.29 -8.54 -33.23
N THR B 152 14.14 -8.82 -34.53
CA THR B 152 12.83 -8.98 -35.14
C THR B 152 12.36 -10.44 -35.15
N PRO B 153 11.19 -10.71 -34.55
CA PRO B 153 10.65 -12.07 -34.50
C PRO B 153 10.44 -12.71 -35.88
N LEU B 154 10.67 -14.02 -35.96
CA LEU B 154 10.46 -14.76 -37.21
C LEU B 154 9.35 -15.76 -36.95
N ASP B 155 8.71 -16.23 -38.03
CA ASP B 155 7.64 -17.20 -37.89
C ASP B 155 8.17 -18.51 -37.27
N MET B 156 7.39 -19.07 -36.34
CA MET B 156 7.75 -20.30 -35.64
C MET B 156 6.75 -21.44 -35.89
N ASN B 157 5.76 -21.20 -36.75
CA ASN B 157 4.72 -22.19 -37.05
C ASN B 157 5.25 -23.58 -37.46
N GLN B 158 6.33 -23.60 -38.24
CA GLN B 158 6.87 -24.89 -38.69
C GLN B 158 7.23 -25.81 -37.53
N PHE B 159 7.54 -25.25 -36.36
CA PHE B 159 7.89 -26.09 -35.23
C PHE B 159 6.70 -26.92 -34.73
N ARG B 160 5.49 -26.51 -35.11
CA ARG B 160 4.30 -27.26 -34.73
C ARG B 160 4.20 -28.56 -35.53
N MET B 161 4.93 -28.62 -36.64
CA MET B 161 4.92 -29.78 -37.54
C MET B 161 5.95 -30.85 -37.23
N LEU B 162 6.83 -30.59 -36.27
CA LEU B 162 7.88 -31.53 -35.89
C LEU B 162 7.34 -32.79 -35.22
N PHE B 163 6.53 -32.62 -34.19
CA PHE B 163 5.98 -33.78 -33.47
C PHE B 163 4.52 -34.07 -33.80
N SER B 164 4.14 -35.33 -33.65
CA SER B 164 2.78 -35.77 -33.89
C SER B 164 2.17 -35.21 -35.17
N THR B 165 2.93 -35.29 -36.26
CA THR B 165 2.48 -34.79 -37.55
C THR B 165 2.77 -35.85 -38.60
N CYS B 166 1.80 -36.11 -39.47
CA CYS B 166 1.98 -37.14 -40.47
C CYS B 166 1.11 -36.91 -41.69
N LYS B 167 1.66 -37.20 -42.87
CA LYS B 167 0.92 -37.06 -44.11
C LYS B 167 0.06 -38.30 -44.31
N VAL B 168 -1.04 -38.14 -45.03
CA VAL B 168 -1.95 -39.25 -45.35
C VAL B 168 -2.12 -39.19 -46.85
N PRO B 169 -1.91 -40.31 -47.55
CA PRO B 169 -2.07 -40.31 -49.00
C PRO B 169 -3.50 -40.14 -49.48
N GLY B 170 -3.65 -39.49 -50.63
CA GLY B 170 -4.96 -39.30 -51.22
C GLY B 170 -4.87 -39.76 -52.67
N ILE B 171 -6.01 -40.04 -53.29
CA ILE B 171 -6.03 -40.49 -54.68
C ILE B 171 -5.49 -39.40 -55.61
N THR B 172 -5.81 -38.15 -55.31
CA THR B 172 -5.35 -37.04 -56.14
C THR B 172 -4.59 -36.00 -55.31
N ARG B 173 -4.96 -35.85 -54.05
CA ARG B 173 -4.29 -34.88 -53.16
C ARG B 173 -4.10 -35.46 -51.77
N ASP B 174 -2.86 -35.44 -51.27
CA ASP B 174 -2.58 -35.95 -49.94
C ASP B 174 -2.99 -34.89 -48.92
N SER B 175 -2.90 -35.21 -47.63
CA SER B 175 -3.25 -34.24 -46.61
C SER B 175 -2.29 -34.38 -45.46
N ILE B 176 -2.19 -33.33 -44.65
CA ILE B 176 -1.29 -33.35 -43.51
C ILE B 176 -2.14 -33.36 -42.24
N MET B 177 -1.83 -34.29 -41.34
CA MET B 177 -2.53 -34.37 -40.06
C MET B 177 -1.54 -33.88 -38.99
N ASN B 178 -1.88 -32.78 -38.33
CA ASN B 178 -1.04 -32.20 -37.29
C ASN B 178 -1.79 -32.28 -35.97
N TYR B 179 -1.37 -33.20 -35.12
CA TYR B 179 -2.01 -33.43 -33.83
C TYR B 179 -1.30 -32.74 -32.66
N PHE B 180 -0.17 -32.10 -32.93
CA PHE B 180 0.57 -31.43 -31.88
C PHE B 180 -0.22 -30.28 -31.24
N LYS B 181 -0.05 -30.12 -29.93
CA LYS B 181 -0.71 -29.06 -29.19
C LYS B 181 0.19 -28.64 -28.04
N THR B 182 0.24 -27.35 -27.74
CA THR B 182 1.04 -26.88 -26.62
C THR B 182 0.20 -27.15 -25.37
N GLU B 183 0.82 -27.06 -24.20
CA GLU B 183 0.09 -27.29 -22.96
C GLU B 183 -1.11 -26.37 -22.90
N SER B 184 -0.93 -25.14 -23.37
CA SER B 184 -1.99 -24.15 -23.35
C SER B 184 -3.17 -24.51 -24.26
N GLU B 185 -2.91 -25.26 -25.32
CA GLU B 185 -3.95 -25.64 -26.27
C GLU B 185 -4.69 -26.91 -25.90
N GLY B 186 -4.06 -27.76 -25.08
CA GLY B 186 -4.71 -28.99 -24.68
C GLY B 186 -3.82 -30.22 -24.75
N HIS B 187 -4.46 -31.38 -24.90
CA HIS B 187 -3.76 -32.65 -24.96
C HIS B 187 -2.97 -32.88 -26.24
N CYS B 188 -1.81 -33.50 -26.09
CA CYS B 188 -0.93 -33.84 -27.20
C CYS B 188 -0.66 -35.34 -27.01
N PRO B 189 -0.59 -36.10 -28.11
CA PRO B 189 -0.34 -37.54 -27.92
C PRO B 189 0.98 -37.64 -27.15
N THR B 190 1.18 -38.73 -26.43
CA THR B 190 2.41 -38.88 -25.66
C THR B 190 3.15 -40.20 -25.90
N HIS B 191 2.90 -40.81 -27.05
CA HIS B 191 3.54 -42.06 -27.40
C HIS B 191 4.41 -41.89 -28.64
N ILE B 192 5.37 -42.81 -28.81
CA ILE B 192 6.19 -42.79 -30.01
C ILE B 192 5.95 -44.14 -30.67
N ALA B 193 6.32 -44.25 -31.93
CA ALA B 193 6.16 -45.48 -32.66
C ALA B 193 7.55 -45.94 -33.04
N VAL B 194 7.82 -47.23 -32.87
CA VAL B 194 9.13 -47.80 -33.20
C VAL B 194 8.94 -48.87 -34.28
N LEU B 195 9.72 -48.77 -35.35
CA LEU B 195 9.64 -49.75 -36.43
C LEU B 195 10.87 -50.65 -36.36
N CYS B 196 10.65 -51.95 -36.43
CA CYS B 196 11.74 -52.92 -36.35
C CYS B 196 11.37 -54.17 -37.14
N ARG B 197 12.28 -54.60 -38.02
CA ARG B 197 12.10 -55.80 -38.84
C ARG B 197 10.69 -56.00 -39.38
N GLY B 198 10.21 -55.01 -40.14
CA GLY B 198 8.88 -55.09 -40.73
C GLY B 198 7.71 -55.09 -39.77
N ARG B 199 7.97 -54.71 -38.52
CA ARG B 199 6.93 -54.67 -37.51
C ARG B 199 6.88 -53.30 -36.88
N ALA B 200 5.77 -52.99 -36.19
CA ALA B 200 5.58 -51.69 -35.55
C ALA B 200 5.13 -51.79 -34.09
N PHE B 201 5.67 -50.92 -33.25
CA PHE B 201 5.34 -50.89 -31.83
C PHE B 201 5.15 -49.46 -31.33
N VAL B 202 4.44 -49.32 -30.21
CA VAL B 202 4.22 -48.02 -29.59
C VAL B 202 4.32 -48.14 -28.08
N PHE B 203 4.67 -47.03 -27.43
CA PHE B 203 4.74 -46.95 -25.99
C PHE B 203 4.71 -45.50 -25.55
N ASP B 204 4.14 -45.25 -24.38
CA ASP B 204 4.02 -43.92 -23.84
C ASP B 204 5.36 -43.48 -23.31
N VAL B 205 5.73 -42.22 -23.54
CA VAL B 205 7.00 -41.71 -23.08
C VAL B 205 6.91 -41.09 -21.69
N LEU B 206 5.70 -41.10 -21.11
CA LEU B 206 5.51 -40.54 -19.78
C LEU B 206 5.12 -41.64 -18.80
N HIS B 207 5.55 -41.48 -17.55
CA HIS B 207 5.23 -42.41 -16.49
C HIS B 207 5.05 -41.59 -15.23
N GLU B 208 3.85 -41.65 -14.65
CA GLU B 208 3.56 -40.89 -13.45
C GLU B 208 3.82 -39.40 -13.66
N GLY B 209 3.44 -38.88 -14.82
CA GLY B 209 3.61 -37.47 -15.10
C GLY B 209 4.94 -36.97 -15.63
N CYS B 210 6.01 -37.74 -15.50
CA CYS B 210 7.30 -37.29 -16.01
C CYS B 210 7.85 -38.17 -17.12
N LEU B 211 8.79 -37.63 -17.88
CA LEU B 211 9.41 -38.32 -19.00
C LEU B 211 10.22 -39.53 -18.55
N ILE B 212 10.07 -40.66 -19.23
CA ILE B 212 10.84 -41.84 -18.84
C ILE B 212 12.31 -41.63 -19.24
N THR B 213 13.21 -42.16 -18.44
CA THR B 213 14.65 -42.00 -18.63
C THR B 213 15.35 -42.98 -19.58
N PRO B 214 16.61 -42.68 -19.93
CA PRO B 214 17.39 -43.54 -20.84
C PRO B 214 17.36 -45.01 -20.42
N PRO B 215 17.62 -45.30 -19.13
CA PRO B 215 17.58 -46.71 -18.71
C PRO B 215 16.23 -47.34 -19.05
N GLU B 216 15.16 -46.59 -18.83
CA GLU B 216 13.81 -47.08 -19.11
C GLU B 216 13.54 -47.17 -20.60
N LEU B 217 14.07 -46.21 -21.35
CA LEU B 217 13.91 -46.22 -22.81
C LEU B 217 14.68 -47.41 -23.37
N LEU B 218 15.84 -47.68 -22.75
CA LEU B 218 16.68 -48.79 -23.17
C LEU B 218 15.96 -50.11 -22.98
N ARG B 219 15.18 -50.21 -21.90
CA ARG B 219 14.44 -51.45 -21.66
C ARG B 219 13.41 -51.64 -22.76
N GLN B 220 12.74 -50.56 -23.14
CA GLN B 220 11.73 -50.64 -24.20
C GLN B 220 12.36 -51.06 -25.53
N LEU B 221 13.44 -50.40 -25.93
CA LEU B 221 14.11 -50.72 -27.17
C LEU B 221 14.68 -52.14 -27.16
N THR B 222 15.21 -52.56 -26.02
CA THR B 222 15.78 -53.90 -25.92
C THR B 222 14.68 -54.95 -26.07
N TYR B 223 13.54 -54.73 -25.43
CA TYR B 223 12.42 -55.65 -25.54
C TYR B 223 12.04 -55.81 -27.01
N ILE B 224 11.87 -54.69 -27.69
CA ILE B 224 11.51 -54.68 -29.11
C ILE B 224 12.56 -55.39 -29.97
N HIS B 225 13.81 -54.98 -29.84
CA HIS B 225 14.88 -55.57 -30.64
C HIS B 225 15.00 -57.08 -30.42
N LYS B 226 14.97 -57.52 -29.17
CA LYS B 226 15.07 -58.94 -28.84
C LYS B 226 13.92 -59.73 -29.46
N LYS B 227 12.71 -59.23 -29.28
CA LYS B 227 11.52 -59.89 -29.81
C LYS B 227 11.54 -60.03 -31.33
N CYS B 228 12.04 -59.02 -32.04
CA CYS B 228 12.08 -59.04 -33.50
C CYS B 228 13.26 -59.80 -34.10
N SER B 229 14.41 -59.76 -33.44
CA SER B 229 15.60 -60.41 -33.94
C SER B 229 15.45 -61.92 -34.04
N ASN B 230 14.73 -62.50 -33.08
CA ASN B 230 14.51 -63.93 -33.04
C ASN B 230 13.23 -64.37 -33.73
N GLU B 231 12.78 -63.59 -34.72
CA GLU B 231 11.57 -63.91 -35.45
C GLU B 231 11.65 -63.40 -36.89
N PRO B 232 10.78 -63.92 -37.77
CA PRO B 232 10.77 -63.51 -39.18
C PRO B 232 10.28 -62.08 -39.39
N VAL B 233 10.75 -61.47 -40.48
CA VAL B 233 10.36 -60.11 -40.82
C VAL B 233 8.83 -60.03 -40.87
N GLY B 234 8.26 -58.97 -40.31
CA GLY B 234 6.82 -58.81 -40.30
C GLY B 234 6.25 -58.45 -41.67
N PRO B 235 4.94 -58.14 -41.75
CA PRO B 235 4.30 -57.79 -43.02
C PRO B 235 4.84 -56.53 -43.71
N SER B 236 5.62 -55.75 -42.98
CA SER B 236 6.25 -54.53 -43.51
C SER B 236 5.31 -53.50 -44.11
N ILE B 237 4.16 -53.29 -43.49
CA ILE B 237 3.19 -52.31 -43.99
C ILE B 237 3.88 -50.96 -44.24
N ALA B 238 4.87 -50.62 -43.42
CA ALA B 238 5.59 -49.37 -43.55
C ALA B 238 6.17 -49.12 -44.95
N ALA B 239 6.59 -50.20 -45.62
CA ALA B 239 7.17 -50.05 -46.95
C ALA B 239 6.21 -49.40 -47.94
N LEU B 240 4.91 -49.51 -47.70
CA LEU B 240 3.93 -48.90 -48.59
C LEU B 240 4.03 -47.37 -48.63
N THR B 241 4.56 -46.75 -47.57
CA THR B 241 4.67 -45.29 -47.55
C THR B 241 5.69 -44.76 -48.57
N SER B 242 6.48 -45.66 -49.16
CA SER B 242 7.51 -45.28 -50.13
C SER B 242 7.01 -45.29 -51.58
N GLU B 243 5.75 -45.67 -51.76
CA GLU B 243 5.18 -45.79 -53.10
C GLU B 243 4.70 -44.50 -53.75
N GLU B 244 4.32 -44.63 -55.02
CA GLU B 244 3.78 -43.53 -55.79
C GLU B 244 2.54 -43.21 -54.95
N ARG B 245 2.22 -41.93 -54.82
CA ARG B 245 1.12 -41.51 -53.94
C ARG B 245 -0.26 -42.11 -54.16
N THR B 246 -0.70 -42.24 -55.40
CA THR B 246 -2.01 -42.82 -55.66
C THR B 246 -2.02 -44.31 -55.36
N ARG B 247 -0.91 -44.99 -55.61
CA ARG B 247 -0.81 -46.43 -55.34
C ARG B 247 -0.86 -46.70 -53.83
N TRP B 248 -0.24 -45.82 -53.04
CA TRP B 248 -0.24 -45.95 -51.59
C TRP B 248 -1.66 -45.63 -51.10
N ALA B 249 -2.28 -44.61 -51.66
CA ALA B 249 -3.64 -44.24 -51.26
C ALA B 249 -4.59 -45.43 -51.46
N LYS B 250 -4.46 -46.12 -52.58
CA LYS B 250 -5.32 -47.27 -52.87
C LYS B 250 -4.99 -48.46 -51.98
N ALA B 251 -3.70 -48.69 -51.71
CA ALA B 251 -3.29 -49.79 -50.86
C ALA B 251 -3.77 -49.51 -49.44
N ARG B 252 -3.68 -48.25 -49.01
CA ARG B 252 -4.12 -47.89 -47.66
C ARG B 252 -5.62 -48.16 -47.53
N GLU B 253 -6.38 -47.78 -48.56
CA GLU B 253 -7.82 -48.02 -48.56
C GLU B 253 -8.10 -49.51 -48.47
N TYR B 254 -7.40 -50.29 -49.28
CA TYR B 254 -7.59 -51.73 -49.28
C TYR B 254 -7.25 -52.32 -47.92
N LEU B 255 -6.11 -51.93 -47.36
CA LEU B 255 -5.67 -52.42 -46.06
C LEU B 255 -6.77 -52.22 -44.99
N ILE B 256 -7.36 -51.03 -44.99
CA ILE B 256 -8.41 -50.68 -44.05
C ILE B 256 -9.68 -51.51 -44.30
N SER B 257 -9.94 -51.85 -45.56
CA SER B 257 -11.12 -52.64 -45.90
C SER B 257 -11.02 -54.06 -45.34
N LEU B 258 -9.81 -54.50 -45.02
CA LEU B 258 -9.59 -55.84 -44.48
C LEU B 258 -9.95 -55.97 -43.01
N ASP B 259 -9.87 -54.86 -42.29
CA ASP B 259 -10.13 -54.84 -40.87
C ASP B 259 -10.16 -53.37 -40.44
N PRO B 260 -11.31 -52.87 -39.98
CA PRO B 260 -11.40 -51.47 -39.56
C PRO B 260 -10.35 -51.05 -38.54
N GLU B 261 -9.93 -51.99 -37.69
CA GLU B 261 -8.91 -51.67 -36.71
C GLU B 261 -7.57 -51.33 -37.37
N ASN B 262 -7.42 -51.66 -38.64
CA ASN B 262 -6.17 -51.32 -39.33
C ASN B 262 -6.06 -49.79 -39.41
N LEU B 263 -7.20 -49.10 -39.54
CA LEU B 263 -7.18 -47.63 -39.57
C LEU B 263 -6.74 -47.12 -38.21
N THR B 264 -7.19 -47.79 -37.15
CA THR B 264 -6.82 -47.39 -35.80
C THR B 264 -5.29 -47.52 -35.63
N LEU B 265 -4.72 -48.59 -36.17
CA LEU B 265 -3.27 -48.80 -36.07
C LEU B 265 -2.54 -47.71 -36.83
N LEU B 266 -3.01 -47.42 -38.04
CA LEU B 266 -2.42 -46.36 -38.85
C LEU B 266 -2.45 -45.04 -38.11
N GLU B 267 -3.58 -44.75 -37.47
CA GLU B 267 -3.71 -43.50 -36.71
C GLU B 267 -2.75 -43.42 -35.54
N LYS B 268 -2.45 -44.56 -34.92
CA LYS B 268 -1.50 -44.59 -33.81
C LYS B 268 -0.12 -44.14 -34.30
N ILE B 269 0.23 -44.56 -35.52
CA ILE B 269 1.52 -44.19 -36.10
C ILE B 269 1.49 -42.71 -36.48
N GLN B 270 0.37 -42.29 -37.06
CA GLN B 270 0.19 -40.90 -37.48
C GLN B 270 0.27 -39.91 -36.31
N THR B 271 -0.35 -40.27 -35.19
CA THR B 271 -0.37 -39.40 -34.00
C THR B 271 0.87 -39.47 -33.10
N SER B 272 1.74 -40.44 -33.32
CA SER B 272 2.93 -40.58 -32.49
C SER B 272 3.80 -39.34 -32.53
N LEU B 273 4.47 -39.03 -31.41
CA LEU B 273 5.33 -37.86 -31.35
C LEU B 273 6.29 -37.88 -32.55
N PHE B 274 6.82 -39.06 -32.85
CA PHE B 274 7.69 -39.25 -34.02
C PHE B 274 7.91 -40.74 -34.20
N VAL B 275 8.42 -41.13 -35.37
CA VAL B 275 8.67 -42.53 -35.63
C VAL B 275 10.18 -42.78 -35.49
N TYR B 276 10.53 -43.82 -34.75
CA TYR B 276 11.93 -44.21 -34.52
C TYR B 276 12.15 -45.53 -35.25
N SER B 277 13.11 -45.56 -36.16
CA SER B 277 13.41 -46.75 -36.95
C SER B 277 14.68 -47.46 -36.55
N ILE B 278 14.59 -48.77 -36.36
CA ILE B 278 15.75 -49.56 -36.01
C ILE B 278 16.22 -50.28 -37.27
N GLU B 279 17.38 -49.86 -37.78
CA GLU B 279 17.95 -50.47 -38.98
C GLU B 279 19.10 -51.40 -38.60
N ASP B 280 19.29 -52.44 -39.40
CA ASP B 280 20.36 -53.40 -39.14
C ASP B 280 21.60 -53.12 -39.97
N SER B 281 21.55 -52.09 -40.81
CA SER B 281 22.69 -51.74 -41.65
C SER B 281 23.66 -50.81 -40.93
N SER B 282 24.87 -50.68 -41.47
CA SER B 282 25.90 -49.85 -40.86
C SER B 282 26.61 -48.99 -41.90
N PRO B 283 26.14 -47.75 -42.11
CA PRO B 283 26.79 -46.88 -43.08
C PRO B 283 28.16 -46.40 -42.60
N HIS B 284 29.13 -46.39 -43.51
CA HIS B 284 30.46 -45.94 -43.14
C HIS B 284 30.34 -44.46 -42.77
N ALA B 285 30.83 -44.10 -41.59
CA ALA B 285 30.74 -42.73 -41.13
C ALA B 285 31.88 -42.30 -40.21
N THR B 286 32.70 -41.39 -40.72
CA THR B 286 33.80 -40.83 -39.94
C THR B 286 33.71 -39.34 -40.26
N PRO B 287 34.41 -38.50 -39.48
CA PRO B 287 34.36 -37.06 -39.75
C PRO B 287 34.78 -36.74 -41.18
N GLU B 288 35.57 -37.62 -41.78
CA GLU B 288 36.06 -37.41 -43.14
C GLU B 288 35.18 -38.00 -44.25
N GLU B 289 34.72 -39.23 -44.07
CA GLU B 289 33.88 -39.89 -45.08
C GLU B 289 32.54 -40.29 -44.48
N TYR B 290 31.46 -39.69 -44.94
CA TYR B 290 30.13 -40.00 -44.42
C TYR B 290 29.01 -39.92 -45.47
N SER B 291 29.39 -40.02 -46.74
CA SER B 291 28.41 -39.95 -47.83
C SER B 291 27.44 -41.13 -47.75
N GLN B 292 27.92 -42.25 -47.23
CA GLN B 292 27.12 -43.45 -47.11
C GLN B 292 25.94 -43.25 -46.14
N VAL B 293 26.08 -42.32 -45.20
CA VAL B 293 24.99 -42.08 -44.27
C VAL B 293 23.82 -41.48 -45.07
N PHE B 294 24.14 -40.53 -45.95
CA PHE B 294 23.11 -39.90 -46.78
C PHE B 294 22.45 -40.93 -47.68
N GLU B 295 23.26 -41.83 -48.25
CA GLU B 295 22.75 -42.86 -49.14
C GLU B 295 21.77 -43.81 -48.46
N MET B 296 22.15 -44.29 -47.28
CA MET B 296 21.29 -45.22 -46.55
C MET B 296 20.10 -44.52 -45.92
N LEU B 297 20.21 -43.20 -45.76
CA LEU B 297 19.12 -42.42 -45.19
C LEU B 297 18.05 -42.25 -46.28
N LEU B 298 18.47 -41.90 -47.49
CA LEU B 298 17.54 -41.73 -48.61
C LEU B 298 17.07 -43.09 -49.13
N GLY B 299 17.95 -44.09 -49.05
CA GLY B 299 17.59 -45.43 -49.49
C GLY B 299 17.06 -46.19 -48.29
N GLY B 300 17.93 -46.99 -47.67
CA GLY B 300 17.55 -47.75 -46.49
C GLY B 300 16.57 -48.89 -46.73
N ASP B 301 16.06 -49.46 -45.64
CA ASP B 301 15.11 -50.55 -45.71
C ASP B 301 13.72 -49.96 -45.44
N PRO B 302 12.91 -49.79 -46.48
CA PRO B 302 11.56 -49.22 -46.35
C PRO B 302 10.62 -50.00 -45.42
N SER B 303 11.00 -51.24 -45.11
CA SER B 303 10.17 -52.05 -44.24
C SER B 303 10.17 -51.48 -42.83
N VAL B 304 11.09 -50.54 -42.55
CA VAL B 304 11.16 -49.90 -41.24
C VAL B 304 11.17 -48.37 -41.32
N ARG B 305 10.64 -47.82 -42.40
CA ARG B 305 10.59 -46.36 -42.55
C ARG B 305 9.15 -45.93 -42.75
N TRP B 306 8.73 -44.85 -42.10
CA TRP B 306 7.38 -44.35 -42.31
C TRP B 306 7.57 -43.02 -43.05
N GLY B 307 7.69 -43.13 -44.37
CA GLY B 307 7.93 -41.98 -45.21
C GLY B 307 7.01 -40.77 -45.05
N ASP B 308 5.78 -41.01 -44.62
CA ASP B 308 4.81 -39.93 -44.44
C ASP B 308 5.02 -39.11 -43.16
N LYS B 309 5.74 -39.67 -42.20
CA LYS B 309 5.97 -38.97 -40.93
C LYS B 309 6.80 -37.71 -41.14
N SER B 310 6.45 -36.63 -40.44
CA SER B 310 7.21 -35.39 -40.61
C SER B 310 8.63 -35.53 -40.09
N TYR B 311 8.81 -36.41 -39.09
CA TYR B 311 10.12 -36.63 -38.49
C TYR B 311 10.27 -38.13 -38.16
N ASN B 312 11.16 -38.80 -38.88
CA ASN B 312 11.43 -40.21 -38.69
C ASN B 312 12.89 -40.29 -38.28
N LEU B 313 13.14 -40.56 -36.99
CA LEU B 313 14.51 -40.65 -36.46
C LEU B 313 15.03 -42.05 -36.84
N ILE B 314 16.21 -42.13 -37.44
CA ILE B 314 16.75 -43.41 -37.89
C ILE B 314 17.99 -43.87 -37.10
N SER B 315 17.96 -45.11 -36.64
CA SER B 315 19.07 -45.70 -35.88
C SER B 315 19.71 -46.87 -36.63
N PHE B 316 21.01 -46.75 -36.92
CA PHE B 316 21.75 -47.80 -37.61
C PHE B 316 22.49 -48.68 -36.60
N ALA B 317 22.86 -49.88 -37.03
CA ALA B 317 23.55 -50.84 -36.17
C ALA B 317 24.90 -50.42 -35.60
N ASN B 318 25.55 -49.45 -36.24
CA ASN B 318 26.86 -49.02 -35.75
C ASN B 318 26.80 -47.76 -34.88
N GLY B 319 25.64 -47.49 -34.29
CA GLY B 319 25.51 -46.33 -33.42
C GLY B 319 25.47 -44.99 -34.12
N ILE B 320 25.16 -45.01 -35.42
CA ILE B 320 25.05 -43.78 -36.21
C ILE B 320 23.56 -43.49 -36.33
N PHE B 321 23.19 -42.22 -36.38
CA PHE B 321 21.78 -41.81 -36.48
C PHE B 321 21.56 -40.79 -37.60
N GLY B 322 20.32 -40.69 -38.05
CA GLY B 322 19.99 -39.73 -39.10
C GLY B 322 18.51 -39.43 -39.00
N MET B 323 18.04 -38.45 -39.76
CA MET B 323 16.63 -38.07 -39.72
C MET B 323 16.09 -37.95 -41.14
N CYS B 324 14.90 -38.49 -41.38
CA CYS B 324 14.26 -38.39 -42.68
C CYS B 324 12.95 -37.66 -42.42
N CYS B 325 12.71 -36.57 -43.15
CA CYS B 325 11.53 -35.76 -42.95
C CYS B 325 10.68 -35.50 -44.18
N ASP B 326 9.38 -35.47 -43.97
CA ASP B 326 8.44 -35.15 -45.04
C ASP B 326 8.68 -33.66 -45.27
N HIS B 327 8.93 -33.28 -46.52
CA HIS B 327 9.20 -31.89 -46.83
C HIS B 327 7.93 -31.05 -46.95
N ALA B 328 6.78 -31.71 -47.01
CA ALA B 328 5.51 -31.00 -47.18
C ALA B 328 5.10 -30.05 -46.06
N PRO B 329 5.15 -30.48 -44.79
CA PRO B 329 4.75 -29.60 -43.68
C PRO B 329 5.72 -28.54 -43.22
N TYR B 330 7.00 -28.73 -43.50
CA TYR B 330 7.98 -27.76 -43.09
C TYR B 330 9.29 -27.89 -43.84
N ASP B 331 10.16 -26.91 -43.64
CA ASP B 331 11.45 -26.91 -44.31
C ASP B 331 12.55 -27.39 -43.37
N ALA B 332 13.75 -27.56 -43.90
CA ALA B 332 14.86 -28.12 -43.13
C ALA B 332 15.31 -27.45 -41.83
N MET B 333 15.07 -26.16 -41.67
CA MET B 333 15.55 -25.52 -40.46
C MET B 333 15.00 -26.05 -39.15
N VAL B 334 13.80 -26.65 -39.17
CA VAL B 334 13.27 -27.22 -37.94
C VAL B 334 14.11 -28.45 -37.58
N MET B 335 14.40 -29.29 -38.57
CA MET B 335 15.22 -30.49 -38.33
C MET B 335 16.59 -30.07 -37.82
N VAL B 336 17.19 -29.07 -38.45
CA VAL B 336 18.49 -28.58 -38.05
C VAL B 336 18.51 -28.13 -36.58
N ASN B 337 17.46 -27.43 -36.16
CA ASN B 337 17.39 -26.96 -34.79
C ASN B 337 17.25 -28.08 -33.75
N ILE B 338 16.37 -29.05 -33.98
CA ILE B 338 16.28 -30.13 -32.99
C ILE B 338 17.55 -30.97 -33.01
N ALA B 339 18.08 -31.24 -34.21
CA ALA B 339 19.29 -32.03 -34.33
C ALA B 339 20.42 -31.33 -33.58
N HIS B 340 20.47 -30.01 -33.69
CA HIS B 340 21.48 -29.22 -33.01
C HIS B 340 21.30 -29.26 -31.49
N TYR B 341 20.06 -29.13 -31.03
CA TYR B 341 19.78 -29.18 -29.60
C TYR B 341 20.25 -30.53 -29.07
N VAL B 342 19.89 -31.60 -29.78
CA VAL B 342 20.29 -32.95 -29.38
C VAL B 342 21.81 -33.07 -29.41
N ASP B 343 22.45 -32.50 -30.42
CA ASP B 343 23.91 -32.54 -30.52
C ASP B 343 24.55 -31.88 -29.30
N GLU B 344 24.02 -30.72 -28.90
CA GLU B 344 24.54 -30.00 -27.74
C GLU B 344 24.33 -30.78 -26.45
N ARG B 345 23.26 -31.57 -26.40
CA ARG B 345 22.97 -32.37 -25.23
C ARG B 345 23.98 -33.52 -25.15
N VAL B 346 24.33 -34.10 -26.29
CA VAL B 346 25.31 -35.19 -26.35
C VAL B 346 26.68 -34.63 -25.93
N LEU B 347 27.01 -33.45 -26.44
CA LEU B 347 28.27 -32.79 -26.11
C LEU B 347 28.34 -32.45 -24.64
N GLU B 348 27.25 -31.91 -24.12
CA GLU B 348 27.16 -31.53 -22.72
C GLU B 348 27.35 -32.71 -21.75
N THR B 349 26.82 -33.86 -22.12
CA THR B 349 26.89 -35.06 -21.29
C THR B 349 27.99 -36.05 -21.69
N GLU B 350 28.87 -35.63 -22.60
CA GLU B 350 29.94 -36.49 -23.09
C GLU B 350 29.38 -37.80 -23.66
N GLY B 351 28.16 -37.73 -24.19
CA GLY B 351 27.52 -38.88 -24.77
C GLY B 351 27.12 -39.96 -23.78
N ARG B 352 26.88 -39.57 -22.54
CA ARG B 352 26.50 -40.53 -21.52
C ARG B 352 25.32 -40.09 -20.66
N TRP B 353 24.75 -41.06 -19.95
CA TRP B 353 23.64 -40.82 -19.04
C TRP B 353 24.23 -40.82 -17.64
N LYS B 354 24.17 -39.67 -16.97
CA LYS B 354 24.72 -39.54 -15.63
C LYS B 354 23.67 -39.52 -14.52
N GLY B 355 22.42 -39.79 -14.89
CA GLY B 355 21.35 -39.80 -13.90
C GLY B 355 21.17 -41.17 -13.27
N SER B 356 20.04 -41.36 -12.59
CA SER B 356 19.74 -42.63 -11.93
C SER B 356 19.63 -43.80 -12.91
N GLU B 357 20.13 -44.96 -12.51
CA GLU B 357 20.09 -46.15 -13.35
C GLU B 357 18.82 -46.95 -13.07
N LYS B 358 17.96 -46.41 -12.20
CA LYS B 358 16.72 -47.09 -11.86
C LYS B 358 15.81 -47.25 -13.07
N VAL B 359 15.09 -48.36 -13.13
CA VAL B 359 14.17 -48.63 -14.21
C VAL B 359 12.79 -48.92 -13.61
N ARG B 360 11.91 -47.93 -13.63
CA ARG B 360 10.57 -48.12 -13.07
C ARG B 360 9.79 -49.18 -13.81
N ASP B 361 8.69 -49.63 -13.20
CA ASP B 361 7.87 -50.66 -13.80
C ASP B 361 6.90 -50.04 -14.81
N ILE B 362 7.41 -49.71 -15.99
CA ILE B 362 6.58 -49.10 -17.02
C ILE B 362 6.00 -50.18 -17.93
N PRO B 363 4.84 -49.91 -18.54
CA PRO B 363 4.21 -50.88 -19.44
C PRO B 363 5.13 -51.32 -20.56
N LEU B 364 5.01 -52.57 -20.99
CA LEU B 364 5.83 -53.09 -22.10
C LEU B 364 5.28 -52.51 -23.40
N PRO B 365 6.15 -52.34 -24.41
CA PRO B 365 5.68 -51.80 -25.70
C PRO B 365 4.59 -52.69 -26.30
N GLU B 366 3.64 -52.07 -26.97
CA GLU B 366 2.55 -52.78 -27.60
C GLU B 366 2.81 -52.87 -29.09
N GLU B 367 2.64 -54.06 -29.66
CA GLU B 367 2.85 -54.22 -31.09
C GLU B 367 1.56 -53.91 -31.84
N LEU B 368 1.70 -53.22 -32.96
CA LEU B 368 0.57 -52.89 -33.81
C LEU B 368 0.54 -54.04 -34.79
N VAL B 369 -0.39 -54.98 -34.60
CA VAL B 369 -0.47 -56.14 -35.48
C VAL B 369 -1.49 -55.91 -36.57
N PHE B 370 -1.03 -55.54 -37.75
CA PHE B 370 -1.93 -55.30 -38.87
C PHE B 370 -2.54 -56.60 -39.38
N THR B 371 -3.77 -56.51 -39.87
CA THR B 371 -4.46 -57.65 -40.47
C THR B 371 -4.13 -57.51 -41.94
N VAL B 372 -3.54 -58.54 -42.54
CA VAL B 372 -3.16 -58.47 -43.96
C VAL B 372 -3.58 -59.71 -44.72
N ASP B 373 -3.48 -59.65 -46.04
CA ASP B 373 -3.81 -60.79 -46.89
C ASP B 373 -2.78 -60.88 -48.01
N GLU B 374 -2.96 -61.83 -48.92
CA GLU B 374 -2.01 -62.02 -50.01
C GLU B 374 -1.84 -60.78 -50.88
N LYS B 375 -2.93 -60.08 -51.18
CA LYS B 375 -2.82 -58.89 -52.00
C LYS B 375 -1.96 -57.81 -51.37
N ILE B 376 -2.21 -57.50 -50.10
CA ILE B 376 -1.42 -56.48 -49.42
C ILE B 376 0.05 -56.86 -49.41
N LEU B 377 0.33 -58.13 -49.11
CA LEU B 377 1.72 -58.59 -49.08
C LEU B 377 2.38 -58.40 -50.44
N ASN B 378 1.61 -58.59 -51.51
CA ASN B 378 2.16 -58.39 -52.85
C ASN B 378 2.40 -56.90 -53.07
N ASP B 379 1.51 -56.06 -52.54
CA ASP B 379 1.68 -54.61 -52.68
C ASP B 379 2.95 -54.20 -51.96
N VAL B 380 3.18 -54.80 -50.80
CA VAL B 380 4.35 -54.52 -49.99
C VAL B 380 5.64 -54.90 -50.74
N SER B 381 5.65 -56.09 -51.32
CA SER B 381 6.84 -56.56 -52.05
C SER B 381 7.15 -55.59 -53.18
N GLN B 382 6.11 -55.18 -53.91
CA GLN B 382 6.26 -54.26 -55.02
C GLN B 382 6.77 -52.88 -54.55
N ALA B 383 6.27 -52.43 -53.41
CA ALA B 383 6.66 -51.14 -52.86
C ALA B 383 8.14 -51.12 -52.49
N LYS B 384 8.57 -52.16 -51.79
CA LYS B 384 9.97 -52.25 -51.37
C LYS B 384 10.89 -52.36 -52.58
N ALA B 385 10.45 -53.09 -53.59
CA ALA B 385 11.22 -53.28 -54.80
C ALA B 385 11.42 -51.96 -55.56
N GLN B 386 10.34 -51.22 -55.81
CA GLN B 386 10.44 -49.96 -56.54
C GLN B 386 11.30 -48.93 -55.82
N HIS B 387 11.20 -48.90 -54.49
CA HIS B 387 11.99 -47.96 -53.71
C HIS B 387 13.48 -48.28 -53.78
N LEU B 388 13.83 -49.54 -53.57
CA LEU B 388 15.23 -49.95 -53.61
C LEU B 388 15.83 -49.72 -54.98
N LYS B 389 15.07 -50.01 -56.03
CA LYS B 389 15.58 -49.81 -57.39
C LYS B 389 15.83 -48.34 -57.65
N ALA B 390 14.85 -47.50 -57.35
CA ALA B 390 14.98 -46.06 -57.58
C ALA B 390 16.13 -45.47 -56.78
N ALA B 391 16.22 -45.85 -55.50
CA ALA B 391 17.27 -45.34 -54.63
C ALA B 391 18.67 -45.76 -55.06
N SER B 392 18.78 -46.91 -55.71
CA SER B 392 20.09 -47.40 -56.15
C SER B 392 20.70 -46.53 -57.24
N ASP B 393 19.86 -45.70 -57.87
CA ASP B 393 20.31 -44.81 -58.94
C ASP B 393 20.90 -43.50 -58.41
N LEU B 394 20.85 -43.34 -57.10
CA LEU B 394 21.33 -42.12 -56.46
C LEU B 394 22.83 -42.10 -56.18
N GLN B 395 23.46 -41.00 -56.52
CA GLN B 395 24.89 -40.82 -56.25
C GLN B 395 25.01 -39.67 -55.27
N ILE B 396 25.75 -39.90 -54.19
CA ILE B 396 25.93 -38.86 -53.19
C ILE B 396 27.42 -38.59 -53.00
N ALA B 397 27.76 -37.31 -52.92
CA ALA B 397 29.14 -36.89 -52.67
C ALA B 397 29.05 -35.85 -51.56
N ALA B 398 29.74 -36.10 -50.45
CA ALA B 398 29.69 -35.18 -49.33
C ALA B 398 31.11 -35.00 -48.80
N SER B 399 31.58 -33.76 -48.77
CA SER B 399 32.94 -33.51 -48.31
C SER B 399 33.04 -32.23 -47.48
N THR B 400 34.17 -32.09 -46.80
CA THR B 400 34.42 -30.91 -46.00
C THR B 400 35.57 -30.12 -46.58
N PHE B 401 35.36 -28.83 -46.77
CA PHE B 401 36.39 -27.94 -47.30
C PHE B 401 37.01 -27.30 -46.06
N THR B 402 38.19 -27.82 -45.68
CA THR B 402 38.89 -27.36 -44.48
C THR B 402 39.81 -26.14 -44.64
N SER B 403 40.07 -25.72 -45.87
CA SER B 403 40.95 -24.59 -46.10
C SER B 403 40.54 -23.34 -45.32
N PHE B 404 39.23 -23.10 -45.22
CA PHE B 404 38.70 -21.93 -44.51
C PHE B 404 37.18 -21.94 -44.42
N GLY B 405 36.65 -21.07 -43.55
CA GLY B 405 35.21 -20.98 -43.37
C GLY B 405 34.64 -19.60 -43.63
N LYS B 406 33.59 -19.23 -42.91
CA LYS B 406 32.96 -17.93 -43.08
C LYS B 406 33.74 -16.80 -42.42
N LYS B 407 34.23 -17.04 -41.21
CA LYS B 407 34.98 -16.04 -40.47
C LYS B 407 36.35 -15.78 -41.08
N LEU B 408 36.39 -15.77 -42.41
CA LEU B 408 37.60 -15.52 -43.17
C LEU B 408 37.20 -14.88 -44.50
N THR B 409 36.13 -15.40 -45.10
CA THR B 409 35.64 -14.85 -46.36
C THR B 409 34.98 -13.51 -46.06
N LYS B 410 34.50 -13.36 -44.82
CA LYS B 410 33.87 -12.11 -44.40
C LYS B 410 34.93 -11.05 -44.16
N GLU B 411 36.14 -11.48 -43.86
CA GLU B 411 37.24 -10.55 -43.65
C GLU B 411 37.42 -9.77 -44.94
N GLU B 412 37.11 -10.42 -46.05
CA GLU B 412 37.21 -9.82 -47.37
C GLU B 412 35.86 -9.26 -47.81
N ALA B 413 34.96 -9.10 -46.85
CA ALA B 413 33.63 -8.56 -47.10
C ALA B 413 32.79 -9.42 -48.04
N LEU B 414 33.00 -10.73 -48.01
CA LEU B 414 32.22 -11.62 -48.87
C LEU B 414 31.35 -12.57 -48.06
N HIS B 415 30.04 -12.40 -48.17
CA HIS B 415 29.09 -13.26 -47.46
C HIS B 415 29.36 -14.70 -47.88
N PRO B 416 29.53 -15.62 -46.91
CA PRO B 416 29.80 -17.03 -47.19
C PRO B 416 28.74 -17.77 -48.02
N ASP B 417 27.47 -17.44 -47.84
CA ASP B 417 26.44 -18.11 -48.62
C ASP B 417 26.58 -17.71 -50.09
N THR B 418 26.76 -16.42 -50.32
CA THR B 418 26.90 -15.90 -51.67
C THR B 418 28.18 -16.45 -52.28
N PHE B 419 29.22 -16.54 -51.46
CA PHE B 419 30.52 -17.08 -51.90
C PHE B 419 30.30 -18.48 -52.47
N ILE B 420 29.66 -19.34 -51.69
CA ILE B 420 29.39 -20.71 -52.11
C ILE B 420 28.52 -20.77 -53.37
N GLN B 421 27.49 -19.93 -53.42
CA GLN B 421 26.59 -19.94 -54.58
C GLN B 421 27.32 -19.57 -55.87
N LEU B 422 28.22 -18.60 -55.80
CA LEU B 422 28.95 -18.18 -56.99
C LEU B 422 30.01 -19.22 -57.36
N ALA B 423 30.60 -19.86 -56.37
CA ALA B 423 31.60 -20.91 -56.63
C ALA B 423 30.89 -22.07 -57.35
N LEU B 424 29.65 -22.34 -56.94
CA LEU B 424 28.88 -23.42 -57.57
C LEU B 424 28.61 -23.09 -59.03
N GLN B 425 28.28 -21.83 -59.30
CA GLN B 425 28.05 -21.40 -60.68
C GLN B 425 29.31 -21.65 -61.50
N LEU B 426 30.46 -21.23 -60.97
CA LEU B 426 31.72 -21.43 -61.67
C LEU B 426 32.03 -22.91 -61.82
N ALA B 427 31.79 -23.69 -60.77
CA ALA B 427 32.05 -25.13 -60.81
C ALA B 427 31.21 -25.80 -61.88
N TYR B 428 29.93 -25.43 -61.98
CA TYR B 428 29.06 -26.03 -62.98
C TYR B 428 29.42 -25.55 -64.39
N TYR B 429 29.71 -24.26 -64.51
CA TYR B 429 30.08 -23.68 -65.80
C TYR B 429 31.31 -24.38 -66.38
N ARG B 430 32.28 -24.62 -65.51
CA ARG B 430 33.52 -25.29 -65.89
C ARG B 430 33.33 -26.77 -66.18
N LEU B 431 32.50 -27.43 -65.38
CA LEU B 431 32.29 -28.86 -65.56
C LEU B 431 31.40 -29.24 -66.74
N HIS B 432 30.36 -28.46 -66.98
CA HIS B 432 29.44 -28.78 -68.07
C HIS B 432 29.45 -27.85 -69.28
N GLY B 433 30.32 -26.85 -69.25
CA GLY B 433 30.44 -25.94 -70.38
C GLY B 433 29.30 -24.97 -70.67
N ARG B 434 28.42 -24.76 -69.70
CA ARG B 434 27.31 -23.84 -69.89
C ARG B 434 26.78 -23.39 -68.52
N PRO B 435 26.06 -22.26 -68.49
CA PRO B 435 25.50 -21.75 -67.23
C PRO B 435 24.43 -22.71 -66.68
N GLY B 436 24.50 -23.01 -65.39
CA GLY B 436 23.50 -23.91 -64.81
C GLY B 436 22.39 -23.16 -64.09
N CYS B 437 21.16 -23.21 -64.63
CA CYS B 437 20.06 -22.51 -63.96
C CYS B 437 19.99 -23.11 -62.56
N CYS B 438 20.02 -22.24 -61.56
CA CYS B 438 20.07 -22.64 -60.17
C CYS B 438 18.98 -22.10 -59.27
N TYR B 439 18.49 -22.97 -58.39
CA TYR B 439 17.47 -22.62 -57.43
C TYR B 439 18.10 -22.57 -56.05
N GLU B 440 17.97 -21.45 -55.36
CA GLU B 440 18.47 -21.37 -53.99
C GLU B 440 17.32 -20.94 -53.10
N THR B 441 17.13 -21.69 -52.03
CA THR B 441 16.08 -21.41 -51.06
C THR B 441 16.34 -20.11 -50.32
N ALA B 442 15.31 -19.27 -50.24
CA ALA B 442 15.37 -18.03 -49.46
C ALA B 442 14.20 -18.16 -48.50
N MET B 443 14.45 -18.05 -47.20
CA MET B 443 13.36 -18.18 -46.22
C MET B 443 12.60 -16.85 -46.14
N THR B 444 11.28 -16.91 -46.00
CA THR B 444 10.46 -15.71 -45.91
C THR B 444 9.73 -15.70 -44.57
N ARG B 445 10.43 -16.14 -43.53
CA ARG B 445 9.84 -16.23 -42.19
C ARG B 445 9.61 -14.90 -41.49
N TYR B 446 9.90 -13.79 -42.18
CA TYR B 446 9.63 -12.48 -41.60
C TYR B 446 8.10 -12.37 -41.56
N PHE B 447 7.46 -13.09 -42.48
CA PHE B 447 6.00 -13.05 -42.60
C PHE B 447 5.26 -14.22 -41.99
N TYR B 448 3.99 -13.99 -41.70
CA TYR B 448 3.12 -15.00 -41.11
C TYR B 448 3.12 -16.26 -41.96
N HIS B 449 3.51 -17.37 -41.34
CA HIS B 449 3.58 -18.67 -41.99
C HIS B 449 4.45 -18.67 -43.25
N GLY B 450 5.38 -17.72 -43.32
CA GLY B 450 6.23 -17.66 -44.48
C GLY B 450 7.13 -18.87 -44.59
N ARG B 451 7.27 -19.42 -45.79
CA ARG B 451 8.15 -20.56 -45.95
C ARG B 451 9.35 -20.23 -46.81
N THR B 452 9.19 -20.22 -48.13
CA THR B 452 10.35 -19.93 -48.97
C THR B 452 10.02 -19.18 -50.25
N GLU B 453 11.07 -18.70 -50.90
CA GLU B 453 10.99 -18.01 -52.18
C GLU B 453 12.19 -18.54 -52.98
N THR B 454 12.12 -18.43 -54.30
CA THR B 454 13.22 -18.89 -55.15
C THR B 454 14.22 -17.76 -55.42
N VAL B 455 15.51 -18.05 -55.25
CA VAL B 455 16.57 -17.11 -55.59
C VAL B 455 17.22 -17.75 -56.83
N ARG B 456 17.27 -17.03 -57.95
CA ARG B 456 17.86 -17.57 -59.18
C ARG B 456 19.32 -17.12 -59.25
N SER B 457 20.22 -17.97 -58.77
CA SER B 457 21.66 -17.66 -58.71
C SER B 457 22.38 -17.48 -60.05
N CYS B 458 21.81 -18.02 -61.13
CA CYS B 458 22.43 -17.91 -62.44
C CYS B 458 22.08 -16.59 -63.11
N THR B 459 22.69 -15.52 -62.64
CA THR B 459 22.45 -14.18 -63.16
C THR B 459 23.42 -13.83 -64.29
N VAL B 460 23.11 -12.75 -65.00
CA VAL B 460 23.97 -12.28 -66.06
C VAL B 460 25.33 -11.95 -65.44
N GLU B 461 25.30 -11.33 -64.26
CA GLU B 461 26.52 -10.97 -63.56
C GLU B 461 27.38 -12.19 -63.23
N ALA B 462 26.74 -13.25 -62.76
CA ALA B 462 27.46 -14.47 -62.42
C ALA B 462 28.10 -15.09 -63.65
N VAL B 463 27.35 -15.15 -64.75
CA VAL B 463 27.89 -15.74 -65.98
C VAL B 463 29.03 -14.89 -66.54
N ARG B 464 28.86 -13.57 -66.51
CA ARG B 464 29.91 -12.68 -67.01
C ARG B 464 31.20 -12.95 -66.24
N TRP B 465 31.08 -13.07 -64.93
CA TRP B 465 32.23 -13.35 -64.10
C TRP B 465 32.83 -14.71 -64.44
N CYS B 466 31.97 -15.73 -64.56
CA CYS B 466 32.46 -17.07 -64.90
C CYS B 466 33.26 -17.03 -66.20
N GLN B 467 32.73 -16.34 -67.20
CA GLN B 467 33.40 -16.23 -68.49
C GLN B 467 34.77 -15.57 -68.34
N SER B 468 34.85 -14.55 -67.48
CA SER B 468 36.10 -13.84 -67.27
C SER B 468 37.14 -14.74 -66.59
N MET B 469 36.66 -15.65 -65.77
CA MET B 469 37.57 -16.57 -65.07
C MET B 469 38.23 -17.54 -66.06
N GLN B 470 37.63 -17.70 -67.23
CA GLN B 470 38.15 -18.61 -68.25
C GLN B 470 38.72 -17.84 -69.46
N ASP B 471 38.79 -16.53 -69.34
CA ASP B 471 39.25 -15.66 -70.42
C ASP B 471 40.72 -15.23 -70.29
N PRO B 472 41.59 -15.68 -71.20
CA PRO B 472 43.01 -15.31 -71.13
C PRO B 472 43.31 -13.81 -71.31
N SER B 473 42.30 -13.03 -71.72
CA SER B 473 42.50 -11.60 -71.88
C SER B 473 42.01 -10.84 -70.64
N ALA B 474 41.40 -11.56 -69.71
CA ALA B 474 40.89 -10.92 -68.50
C ALA B 474 41.93 -10.86 -67.39
N SER B 475 42.25 -9.64 -66.97
CA SER B 475 43.22 -9.44 -65.89
C SER B 475 42.61 -9.87 -64.57
N LEU B 476 43.45 -10.13 -63.57
CA LEU B 476 42.97 -10.52 -62.26
C LEU B 476 42.08 -9.44 -61.69
N LEU B 477 42.38 -8.18 -62.02
CA LEU B 477 41.60 -7.05 -61.54
C LEU B 477 40.19 -7.09 -62.13
N GLU B 478 40.10 -7.38 -63.43
CA GLU B 478 38.81 -7.46 -64.09
C GLU B 478 38.00 -8.61 -63.48
N ARG B 479 38.69 -9.71 -63.19
CA ARG B 479 38.04 -10.88 -62.62
C ARG B 479 37.49 -10.57 -61.23
N GLN B 480 38.25 -9.80 -60.45
CA GLN B 480 37.82 -9.43 -59.11
C GLN B 480 36.62 -8.51 -59.15
N GLN B 481 36.67 -7.53 -60.04
CA GLN B 481 35.59 -6.56 -60.20
C GLN B 481 34.29 -7.27 -60.62
N LYS B 482 34.39 -8.17 -61.60
CA LYS B 482 33.21 -8.89 -62.05
C LYS B 482 32.69 -9.83 -60.96
N MET B 483 33.59 -10.38 -60.15
CA MET B 483 33.16 -11.26 -59.07
C MET B 483 32.39 -10.42 -58.04
N LEU B 484 32.95 -9.28 -57.66
CA LEU B 484 32.29 -8.40 -56.68
C LEU B 484 30.93 -7.93 -57.20
N GLU B 485 30.84 -7.68 -58.50
CA GLU B 485 29.57 -7.26 -59.09
C GLU B 485 28.55 -8.39 -59.00
N ALA B 486 29.02 -9.63 -59.07
CA ALA B 486 28.14 -10.79 -58.97
C ALA B 486 27.67 -10.95 -57.53
N PHE B 487 28.57 -10.67 -56.59
CA PHE B 487 28.26 -10.75 -55.16
C PHE B 487 27.16 -9.76 -54.81
N ALA B 488 27.32 -8.52 -55.29
CA ALA B 488 26.36 -7.45 -55.02
C ALA B 488 24.98 -7.83 -55.58
N LYS B 489 24.95 -8.35 -56.79
CA LYS B 489 23.68 -8.75 -57.40
C LYS B 489 23.02 -9.86 -56.57
N HIS B 490 23.78 -10.90 -56.24
CA HIS B 490 23.23 -11.99 -55.45
C HIS B 490 22.74 -11.55 -54.08
N ASN B 491 23.53 -10.73 -53.38
CA ASN B 491 23.13 -10.27 -52.06
C ASN B 491 21.81 -9.53 -52.11
N LYS B 492 21.63 -8.67 -53.10
CA LYS B 492 20.41 -7.90 -53.22
C LYS B 492 19.22 -8.83 -53.51
N MET B 493 19.42 -9.83 -54.36
CA MET B 493 18.36 -10.78 -54.68
C MET B 493 17.93 -11.54 -53.44
N MET B 494 18.90 -12.04 -52.68
CA MET B 494 18.61 -12.79 -51.47
C MET B 494 17.83 -11.90 -50.49
N LYS B 495 18.27 -10.65 -50.35
CA LYS B 495 17.59 -9.73 -49.46
C LYS B 495 16.15 -9.47 -49.91
N ASP B 496 15.98 -9.16 -51.20
CA ASP B 496 14.65 -8.90 -51.75
C ASP B 496 13.74 -10.12 -51.65
N CYS B 497 14.25 -11.30 -51.99
CA CYS B 497 13.45 -12.51 -51.93
C CYS B 497 13.03 -12.83 -50.50
N SER B 498 13.94 -12.70 -49.53
CA SER B 498 13.57 -12.99 -48.15
C SER B 498 12.58 -11.96 -47.63
N HIS B 499 12.55 -10.78 -48.28
CA HIS B 499 11.62 -9.74 -47.87
C HIS B 499 10.31 -9.75 -48.65
N GLY B 500 10.03 -10.86 -49.32
CA GLY B 500 8.79 -10.98 -50.07
C GLY B 500 8.74 -10.27 -51.41
N LYS B 501 9.90 -9.90 -51.93
CA LYS B 501 9.97 -9.19 -53.21
C LYS B 501 10.47 -10.05 -54.36
N GLY B 502 10.61 -11.36 -54.14
CA GLY B 502 11.04 -12.25 -55.20
C GLY B 502 9.93 -12.35 -56.22
N PHE B 503 10.10 -13.15 -57.27
CA PHE B 503 9.05 -13.26 -58.28
C PHE B 503 8.54 -14.65 -58.63
N ASP B 504 9.27 -15.70 -58.27
CA ASP B 504 8.82 -17.05 -58.61
C ASP B 504 7.48 -17.44 -58.01
N ARG B 505 7.28 -17.19 -56.72
CA ARG B 505 6.00 -17.54 -56.10
C ARG B 505 4.90 -16.67 -56.67
N HIS B 506 5.24 -15.41 -56.97
CA HIS B 506 4.27 -14.47 -57.54
C HIS B 506 3.72 -15.02 -58.85
N LEU B 507 4.62 -15.39 -59.76
CA LEU B 507 4.21 -15.93 -61.05
C LEU B 507 3.41 -17.22 -60.90
N LEU B 508 3.77 -18.03 -59.92
CA LEU B 508 3.06 -19.27 -59.67
C LEU B 508 1.63 -18.90 -59.32
N GLY B 509 1.48 -17.88 -58.47
CA GLY B 509 0.16 -17.45 -58.07
C GLY B 509 -0.69 -17.09 -59.27
N LEU B 510 -0.11 -16.37 -60.22
CA LEU B 510 -0.82 -15.97 -61.42
C LEU B 510 -1.28 -17.17 -62.24
N LEU B 511 -0.41 -18.17 -62.36
CA LEU B 511 -0.74 -19.37 -63.11
C LEU B 511 -1.88 -20.12 -62.42
N LEU B 512 -1.85 -20.15 -61.09
CA LEU B 512 -2.88 -20.85 -60.35
C LEU B 512 -4.22 -20.13 -60.45
N ILE B 513 -4.20 -18.80 -60.45
CA ILE B 513 -5.42 -18.03 -60.58
C ILE B 513 -6.04 -18.43 -61.92
N ALA B 514 -5.21 -18.44 -62.96
CA ALA B 514 -5.67 -18.82 -64.29
C ALA B 514 -6.28 -20.21 -64.32
N LYS B 515 -5.59 -21.16 -63.71
CA LYS B 515 -6.08 -22.55 -63.68
C LYS B 515 -7.40 -22.69 -62.94
N GLU B 516 -7.57 -21.96 -61.83
CA GLU B 516 -8.80 -22.03 -61.06
C GLU B 516 -9.97 -21.35 -61.75
N GLU B 517 -9.65 -20.48 -62.72
CA GLU B 517 -10.67 -19.77 -63.48
C GLU B 517 -11.02 -20.59 -64.72
N GLY B 518 -10.33 -21.71 -64.90
CA GLY B 518 -10.58 -22.56 -66.06
C GLY B 518 -10.04 -21.97 -67.34
N LEU B 519 -9.13 -21.01 -67.21
CA LEU B 519 -8.52 -20.36 -68.37
C LEU B 519 -7.35 -21.19 -68.88
N PRO B 520 -7.02 -21.06 -70.17
CA PRO B 520 -5.89 -21.84 -70.68
C PRO B 520 -4.59 -21.30 -70.09
N VAL B 521 -3.52 -22.07 -70.19
CA VAL B 521 -2.24 -21.67 -69.64
C VAL B 521 -1.64 -20.51 -70.43
N PRO B 522 -1.42 -19.37 -69.77
CA PRO B 522 -0.85 -18.20 -70.45
C PRO B 522 0.43 -18.60 -71.18
N GLU B 523 0.61 -18.08 -72.39
CA GLU B 523 1.78 -18.43 -73.20
C GLU B 523 3.10 -18.11 -72.50
N LEU B 524 3.07 -17.21 -71.52
CA LEU B 524 4.30 -16.87 -70.81
C LEU B 524 4.92 -18.13 -70.17
N PHE B 525 4.08 -19.02 -69.67
CA PHE B 525 4.56 -20.23 -69.01
C PHE B 525 4.91 -21.35 -69.98
N GLU B 526 4.46 -21.25 -71.22
CA GLU B 526 4.73 -22.28 -72.21
C GLU B 526 5.94 -21.93 -73.08
N ASP B 527 6.39 -20.70 -72.95
CA ASP B 527 7.57 -20.17 -73.66
C ASP B 527 8.73 -21.08 -73.25
N PRO B 528 9.52 -21.55 -74.22
CA PRO B 528 10.66 -22.42 -73.93
C PRO B 528 11.59 -21.83 -72.87
N LEU B 529 11.78 -20.51 -72.89
CA LEU B 529 12.67 -19.88 -71.92
C LEU B 529 12.17 -19.94 -70.48
N PHE B 530 10.87 -20.12 -70.29
CA PHE B 530 10.33 -20.19 -68.94
C PHE B 530 10.85 -21.43 -68.19
N SER B 531 10.86 -22.56 -68.87
CA SER B 531 11.35 -23.79 -68.26
C SER B 531 12.88 -23.88 -68.36
N ARG B 532 13.44 -23.38 -69.47
CA ARG B 532 14.89 -23.44 -69.63
C ARG B 532 15.59 -22.66 -68.52
N SER B 533 14.93 -21.59 -68.04
CA SER B 533 15.50 -20.80 -66.96
C SER B 533 15.24 -21.45 -65.59
N GLY B 534 14.55 -22.59 -65.59
CA GLY B 534 14.28 -23.30 -64.35
C GLY B 534 12.84 -23.40 -63.89
N GLY B 535 11.99 -22.51 -64.39
CA GLY B 535 10.59 -22.54 -64.00
C GLY B 535 9.93 -23.88 -64.29
N GLY B 536 8.98 -24.26 -63.45
CA GLY B 536 8.29 -25.53 -63.64
C GLY B 536 9.02 -26.72 -63.04
N GLY B 537 9.91 -26.46 -62.08
CA GLY B 537 10.67 -27.51 -61.44
C GLY B 537 11.78 -28.08 -62.32
N ASN B 538 12.42 -27.20 -63.10
CA ASN B 538 13.46 -27.62 -64.02
C ASN B 538 14.88 -27.11 -63.73
N PHE B 539 15.15 -26.72 -62.49
CA PHE B 539 16.49 -26.23 -62.16
C PHE B 539 17.51 -27.36 -62.10
N VAL B 540 18.60 -27.23 -62.86
CA VAL B 540 19.63 -28.27 -62.87
C VAL B 540 20.45 -28.22 -61.60
N LEU B 541 20.27 -27.15 -60.83
CA LEU B 541 20.95 -27.02 -59.54
C LEU B 541 19.87 -26.68 -58.52
N SER B 542 19.64 -27.59 -57.58
CA SER B 542 18.64 -27.38 -56.53
C SER B 542 19.47 -27.23 -55.27
N THR B 543 19.41 -26.04 -54.67
CA THR B 543 20.27 -25.76 -53.52
C THR B 543 19.67 -24.99 -52.36
N SER B 544 20.41 -25.03 -51.27
CA SER B 544 20.04 -24.31 -50.07
C SER B 544 21.13 -24.36 -49.02
N LEU B 545 21.25 -23.27 -48.27
CA LEU B 545 22.17 -23.19 -47.16
C LEU B 545 21.36 -23.92 -46.09
N VAL B 546 22.00 -24.82 -45.35
CA VAL B 546 21.29 -25.56 -44.30
C VAL B 546 21.58 -24.97 -42.93
N GLY B 547 22.39 -23.92 -42.88
CA GLY B 547 22.65 -23.26 -41.61
C GLY B 547 24.08 -23.14 -41.13
N TYR B 548 24.19 -22.75 -39.87
CA TYR B 548 25.48 -22.57 -39.19
C TYR B 548 25.50 -23.39 -37.91
N LEU B 549 24.73 -24.49 -37.87
CA LEU B 549 24.65 -25.30 -36.66
C LEU B 549 25.23 -26.72 -36.75
N ARG B 550 26.21 -26.91 -37.63
CA ARG B 550 26.88 -28.21 -37.80
C ARG B 550 25.98 -29.33 -38.31
N VAL B 551 24.81 -29.01 -38.83
CA VAL B 551 23.91 -30.03 -39.36
C VAL B 551 23.80 -29.90 -40.88
N GLN B 552 23.86 -31.03 -41.56
CA GLN B 552 23.77 -31.05 -43.02
C GLN B 552 22.53 -31.82 -43.49
N GLY B 553 21.86 -31.29 -44.51
CA GLY B 553 20.70 -31.96 -45.06
C GLY B 553 20.81 -32.09 -46.58
N VAL B 554 20.04 -33.00 -47.18
CA VAL B 554 20.07 -33.18 -48.63
C VAL B 554 18.76 -33.78 -49.15
N VAL B 555 18.51 -33.56 -50.44
CA VAL B 555 17.36 -34.13 -51.15
C VAL B 555 17.91 -34.54 -52.53
N VAL B 556 17.14 -35.36 -53.24
CA VAL B 556 17.59 -35.78 -54.58
C VAL B 556 17.40 -34.58 -55.50
N PRO B 557 17.94 -34.65 -56.73
CA PRO B 557 17.81 -33.56 -57.70
C PRO B 557 16.35 -33.29 -58.05
N MET B 558 16.09 -32.07 -58.53
CA MET B 558 14.75 -31.65 -58.94
C MET B 558 14.43 -32.20 -60.35
N VAL B 559 15.45 -32.44 -61.14
CA VAL B 559 15.25 -32.96 -62.50
C VAL B 559 16.28 -34.06 -62.79
N HIS B 560 15.92 -34.97 -63.70
CA HIS B 560 16.81 -36.07 -64.05
C HIS B 560 18.25 -35.65 -64.35
N ASN B 561 18.43 -34.60 -65.15
CA ASN B 561 19.78 -34.15 -65.50
C ASN B 561 20.28 -33.05 -64.56
N GLY B 562 19.84 -33.09 -63.31
CA GLY B 562 20.28 -32.08 -62.37
C GLY B 562 21.01 -32.59 -61.13
N TYR B 563 21.32 -31.65 -60.23
CA TYR B 563 22.02 -31.94 -58.99
C TYR B 563 21.29 -31.34 -57.83
N GLY B 564 21.55 -31.89 -56.66
CA GLY B 564 21.03 -31.32 -55.44
C GLY B 564 22.36 -30.88 -54.85
N PHE B 565 22.46 -29.67 -54.32
CA PHE B 565 23.72 -29.22 -53.72
C PHE B 565 23.37 -28.41 -52.49
N PHE B 566 23.74 -28.95 -51.34
CA PHE B 566 23.43 -28.32 -50.06
C PHE B 566 24.68 -28.18 -49.22
N TYR B 567 24.65 -27.26 -48.27
CA TYR B 567 25.84 -27.00 -47.47
C TYR B 567 25.54 -26.28 -46.17
N HIS B 568 26.50 -26.35 -45.24
CA HIS B 568 26.36 -25.60 -43.99
C HIS B 568 27.70 -24.94 -43.77
N ILE B 569 27.69 -23.84 -43.03
CA ILE B 569 28.88 -23.05 -42.81
C ILE B 569 29.38 -22.99 -41.38
N ARG B 570 30.68 -23.20 -41.23
CA ARG B 570 31.33 -23.13 -39.93
C ARG B 570 32.37 -22.03 -40.06
N ASP B 571 32.88 -21.56 -38.92
CA ASP B 571 33.86 -20.49 -38.94
C ASP B 571 35.13 -20.85 -39.72
N ASP B 572 35.56 -22.10 -39.63
CA ASP B 572 36.79 -22.53 -40.30
C ASP B 572 36.63 -23.52 -41.46
N ARG B 573 35.40 -23.80 -41.87
CA ARG B 573 35.20 -24.74 -42.96
C ARG B 573 33.81 -24.66 -43.59
N PHE B 574 33.67 -25.26 -44.77
CA PHE B 574 32.40 -25.34 -45.48
C PHE B 574 32.13 -26.83 -45.64
N VAL B 575 30.90 -27.25 -45.36
CA VAL B 575 30.54 -28.66 -45.50
C VAL B 575 29.50 -28.75 -46.60
N VAL B 576 29.73 -29.63 -47.58
CA VAL B 576 28.81 -29.77 -48.69
C VAL B 576 28.31 -31.20 -48.90
N ALA B 577 27.12 -31.29 -49.47
CA ALA B 577 26.49 -32.57 -49.77
C ALA B 577 25.84 -32.38 -51.13
N CYS B 578 26.21 -33.23 -52.08
CA CYS B 578 25.70 -33.12 -53.44
C CYS B 578 25.10 -34.43 -53.93
N SER B 579 23.97 -34.34 -54.64
CA SER B 579 23.31 -35.52 -55.16
C SER B 579 23.10 -35.44 -56.66
N SER B 580 23.08 -36.60 -57.31
CA SER B 580 22.83 -36.68 -58.76
C SER B 580 22.34 -38.09 -59.07
N TRP B 581 21.83 -38.29 -60.27
CA TRP B 581 21.32 -39.59 -60.71
C TRP B 581 22.31 -40.27 -61.63
N ARG B 582 22.73 -41.48 -61.29
CA ARG B 582 23.68 -42.23 -62.11
C ARG B 582 23.17 -42.41 -63.54
N SER B 583 21.88 -42.69 -63.67
CA SER B 583 21.25 -42.90 -64.98
C SER B 583 21.38 -41.70 -65.91
N CYS B 584 21.77 -40.54 -65.37
CA CYS B 584 21.97 -39.38 -66.23
C CYS B 584 23.46 -39.30 -66.47
N PRO B 585 23.91 -39.59 -67.70
CA PRO B 585 25.33 -39.55 -68.05
C PRO B 585 26.05 -38.23 -67.74
N GLU B 586 25.40 -37.11 -68.04
CA GLU B 586 26.01 -35.81 -67.81
C GLU B 586 26.44 -35.50 -66.37
N THR B 587 25.57 -35.77 -65.41
CA THR B 587 25.86 -35.44 -64.02
C THR B 587 26.77 -36.38 -63.25
N ASP B 588 27.50 -35.82 -62.30
CA ASP B 588 28.41 -36.58 -61.44
C ASP B 588 28.68 -35.77 -60.17
N ALA B 589 27.96 -36.09 -59.10
CA ALA B 589 28.09 -35.38 -57.83
C ALA B 589 29.54 -35.28 -57.35
N GLU B 590 30.27 -36.37 -57.48
CA GLU B 590 31.66 -36.41 -57.04
C GLU B 590 32.50 -35.35 -57.75
N LYS B 591 32.33 -35.26 -59.07
CA LYS B 591 33.09 -34.31 -59.85
C LYS B 591 32.67 -32.85 -59.61
N LEU B 592 31.39 -32.60 -59.36
CA LEU B 592 30.95 -31.23 -59.12
C LEU B 592 31.53 -30.73 -57.80
N VAL B 593 31.58 -31.61 -56.80
CA VAL B 593 32.14 -31.22 -55.50
C VAL B 593 33.64 -30.95 -55.65
N GLN B 594 34.33 -31.79 -56.42
CA GLN B 594 35.75 -31.58 -56.65
C GLN B 594 35.96 -30.23 -57.33
N MET B 595 35.09 -29.92 -58.29
CA MET B 595 35.17 -28.67 -59.02
C MET B 595 34.90 -27.44 -58.14
N ILE B 596 33.91 -27.53 -57.26
CA ILE B 596 33.61 -26.36 -56.43
C ILE B 596 34.70 -26.08 -55.41
N PHE B 597 35.40 -27.12 -54.96
CA PHE B 597 36.49 -26.93 -54.01
C PHE B 597 37.62 -26.16 -54.70
N HIS B 598 37.81 -26.43 -55.99
CA HIS B 598 38.83 -25.73 -56.76
C HIS B 598 38.36 -24.29 -56.97
N ALA B 599 37.05 -24.15 -57.15
CA ALA B 599 36.45 -22.84 -57.35
C ALA B 599 36.69 -21.97 -56.12
N PHE B 600 36.52 -22.55 -54.94
CA PHE B 600 36.73 -21.81 -53.69
C PHE B 600 38.13 -21.22 -53.67
N HIS B 601 39.12 -22.05 -54.03
CA HIS B 601 40.52 -21.60 -54.04
C HIS B 601 40.72 -20.45 -55.02
N ASP B 602 40.22 -20.63 -56.25
CA ASP B 602 40.37 -19.60 -57.28
C ASP B 602 39.78 -18.26 -56.86
N MET B 603 38.62 -18.29 -56.20
CA MET B 603 37.96 -17.07 -55.76
C MET B 603 38.73 -16.38 -54.65
N ILE B 604 39.26 -17.16 -53.72
CA ILE B 604 40.04 -16.62 -52.61
C ILE B 604 41.33 -15.99 -53.12
N GLN B 605 42.06 -16.75 -53.93
CA GLN B 605 43.31 -16.28 -54.50
C GLN B 605 43.10 -14.97 -55.25
N LEU B 606 41.89 -14.81 -55.80
CA LEU B 606 41.53 -13.62 -56.55
C LEU B 606 41.45 -12.39 -55.65
N MET B 607 41.24 -12.62 -54.36
CA MET B 607 41.16 -11.53 -53.40
C MET B 607 42.51 -11.28 -52.74
N ASN B 608 43.29 -12.33 -52.59
CA ASN B 608 44.61 -12.22 -51.97
C ASN B 608 45.61 -11.59 -52.93
N THR B 609 45.58 -12.02 -54.18
CA THR B 609 46.49 -11.49 -55.19
C THR B 609 46.14 -10.03 -55.45
N ALA B 610 44.87 -9.69 -55.24
CA ALA B 610 44.39 -8.32 -55.45
C ALA B 610 44.34 -7.58 -54.10
N1 EPE C . -17.85 24.18 48.23
C2 EPE C . -18.75 23.03 48.14
C3 EPE C . -18.56 22.35 46.78
N4 EPE C . -17.16 21.92 46.62
C5 EPE C . -16.25 23.06 46.74
C6 EPE C . -16.44 23.73 48.11
C7 EPE C . -17.02 21.28 45.29
C8 EPE C . -15.61 20.74 45.07
O8 EPE C . -15.30 19.74 46.04
C9 EPE C . -18.01 24.90 49.51
C10 EPE C . -19.32 25.69 49.52
S EPE C . -19.48 26.80 50.96
O1S EPE C . -20.93 27.21 50.98
O2S EPE C . -18.57 27.95 50.71
O3S EPE C . -19.08 26.00 52.17
C1 MPD D . -18.71 30.19 46.68
C2 MPD D . -17.92 31.47 46.83
O2 MPD D . -16.60 31.07 47.26
CM MPD D . -17.81 32.21 45.54
C3 MPD D . -18.48 32.43 47.90
C4 MPD D . -18.52 31.94 49.36
O4 MPD D . -17.20 31.75 49.86
C5 MPD D . -19.19 32.96 50.26
N1 EPE E . 11.41 -27.87 -53.70
C2 EPE E . 11.27 -27.59 -55.14
C3 EPE E . 11.30 -28.92 -55.91
N4 EPE E . 10.18 -29.76 -55.47
C5 EPE E . 10.31 -30.06 -54.05
C6 EPE E . 10.30 -28.74 -53.25
C7 EPE E . 10.18 -31.01 -56.25
C8 EPE E . 9.34 -30.84 -57.53
O8 EPE E . 9.89 -29.79 -58.33
C9 EPE E . 11.38 -26.58 -52.98
C10 EPE E . 12.01 -26.75 -51.60
S EPE E . 12.04 -25.20 -50.63
O1S EPE E . 12.38 -25.62 -49.22
O2S EPE E . 10.66 -24.61 -50.73
O3S EPE E . 13.07 -24.31 -51.25
C1 MPD F . 15.48 -29.40 -47.71
C2 MPD F . 16.76 -28.75 -48.21
O2 MPD F . 16.86 -27.51 -47.52
CM MPD F . 17.94 -29.61 -47.90
C3 MPD F . 16.77 -28.44 -49.73
C4 MPD F . 15.58 -27.69 -50.34
O4 MPD F . 15.96 -26.99 -51.51
C5 MPD F . 14.47 -28.65 -50.72
C1 MPD G . -3.01 -44.84 -26.67
C2 MPD G . -1.95 -45.37 -27.63
O2 MPD G . -2.36 -46.71 -27.96
CM MPD G . -1.88 -44.54 -28.85
C3 MPD G . -0.54 -45.47 -27.01
C4 MPD G . -0.38 -46.33 -25.75
O4 MPD G . -0.69 -47.68 -26.02
C5 MPD G . 1.04 -46.28 -25.23
C1 MPD H . 8.25 -6.63 -35.23
C2 MPD H . 7.12 -7.46 -34.67
O2 MPD H . 5.91 -6.67 -34.85
CM MPD H . 6.98 -8.75 -35.39
C3 MPD H . 7.26 -7.75 -33.16
C4 MPD H . 7.01 -6.60 -32.19
O4 MPD H . 5.82 -6.80 -31.46
C5 MPD H . 8.14 -6.47 -31.18
C1 MPD I . 10.89 -4.49 -71.78
C2 MPD I . 9.48 -5.04 -71.77
O2 MPD I . 8.66 -4.06 -72.42
CM MPD I . 9.42 -6.34 -72.49
C3 MPD I . 8.94 -5.23 -70.33
C4 MPD I . 7.42 -5.20 -70.14
O4 MPD I . 7.05 -5.95 -69.02
C5 MPD I . 6.92 -3.78 -69.95
C1 MPD J . -2.18 -5.56 -49.41
C2 MPD J . -3.54 -5.99 -49.94
O2 MPD J . -3.29 -7.05 -50.89
CM MPD J . -4.41 -6.49 -48.85
C3 MPD J . -4.32 -4.89 -50.70
C4 MPD J . -3.56 -4.07 -51.76
O4 MPD J . -2.84 -4.89 -52.64
C5 MPD J . -4.52 -3.24 -52.60
C1 MPD K . 5.46 -25.61 -57.98
C2 MPD K . 6.78 -26.20 -58.41
O2 MPD K . 6.94 -27.41 -57.64
CM MPD K . 6.79 -26.52 -59.87
C3 MPD K . 7.97 -25.24 -58.11
C4 MPD K . 9.28 -25.84 -57.58
O4 MPD K . 9.70 -26.96 -58.34
C5 MPD K . 10.40 -24.82 -57.62
#